data_3CZW
# 
_entry.id   3CZW 
# 
_audit_conform.dict_name       mmcif_pdbx.dic 
_audit_conform.dict_version    5.389 
_audit_conform.dict_location   http://mmcif.pdb.org/dictionaries/ascii/mmcif_pdbx.dic 
# 
loop_
_database_2.database_id 
_database_2.database_code 
_database_2.pdbx_database_accession 
_database_2.pdbx_DOI 
PDB   3CZW         pdb_00003czw 10.2210/pdb3czw/pdb 
NDB   AR0098       ?            ?                   
RCSB  RCSB047415   ?            ?                   
WWPDB D_1000047415 ?            ?                   
# 
loop_
_pdbx_audit_revision_history.ordinal 
_pdbx_audit_revision_history.data_content_type 
_pdbx_audit_revision_history.major_revision 
_pdbx_audit_revision_history.minor_revision 
_pdbx_audit_revision_history.revision_date 
1 'Structure model' 1 0 2008-09-09 
2 'Structure model' 1 1 2011-07-13 
3 'Structure model' 1 2 2017-10-25 
4 'Structure model' 1 3 2024-02-21 
5 'Structure model' 1 4 2024-04-03 
# 
_pdbx_audit_revision_details.ordinal             1 
_pdbx_audit_revision_details.revision_ordinal    1 
_pdbx_audit_revision_details.data_content_type   'Structure model' 
_pdbx_audit_revision_details.provider            repository 
_pdbx_audit_revision_details.type                'Initial release' 
_pdbx_audit_revision_details.description         ? 
_pdbx_audit_revision_details.details             ? 
# 
loop_
_pdbx_audit_revision_group.ordinal 
_pdbx_audit_revision_group.revision_ordinal 
_pdbx_audit_revision_group.data_content_type 
_pdbx_audit_revision_group.group 
1 2 'Structure model' 'Version format compliance' 
2 3 'Structure model' 'Refinement description'    
3 4 'Structure model' 'Data collection'           
4 4 'Structure model' 'Database references'       
5 4 'Structure model' 'Derived calculations'      
6 5 'Structure model' 'Refinement description'    
# 
loop_
_pdbx_audit_revision_category.ordinal 
_pdbx_audit_revision_category.revision_ordinal 
_pdbx_audit_revision_category.data_content_type 
_pdbx_audit_revision_category.category 
1 3 'Structure model' software                      
2 4 'Structure model' chem_comp_atom                
3 4 'Structure model' chem_comp_bond                
4 4 'Structure model' database_2                    
5 4 'Structure model' diffrn_source                 
6 4 'Structure model' struct_site                   
7 5 'Structure model' pdbx_initial_refinement_model 
# 
loop_
_pdbx_audit_revision_item.ordinal 
_pdbx_audit_revision_item.revision_ordinal 
_pdbx_audit_revision_item.data_content_type 
_pdbx_audit_revision_item.item 
1 3 'Structure model' '_software.name'                       
2 4 'Structure model' '_database_2.pdbx_DOI'                 
3 4 'Structure model' '_database_2.pdbx_database_accession'  
4 4 'Structure model' '_diffrn_source.pdbx_synchrotron_site' 
5 4 'Structure model' '_struct_site.pdbx_auth_asym_id'       
6 4 'Structure model' '_struct_site.pdbx_auth_comp_id'       
7 4 'Structure model' '_struct_site.pdbx_auth_seq_id'        
# 
_pdbx_database_status.entry_id                        3CZW 
_pdbx_database_status.status_code                     REL 
_pdbx_database_status.status_code_sf                  REL 
_pdbx_database_status.deposit_site                    RCSB 
_pdbx_database_status.process_site                    RCSB 
_pdbx_database_status.recvd_initial_deposition_date   2008-04-30 
_pdbx_database_status.SG_entry                        N 
_pdbx_database_status.status_code_mr                  ? 
_pdbx_database_status.pdb_format_compatible           Y 
_pdbx_database_status.status_code_cs                  ? 
_pdbx_database_status.methods_development_category    ? 
_pdbx_database_status.status_code_nmr_data            ? 
# 
_pdbx_database_related.db_name        PDB 
_pdbx_database_related.db_id          3D0M 
_pdbx_database_related.details        'The same molecule in different crystal form' 
_pdbx_database_related.content_type   unspecified 
# 
loop_
_audit_author.name 
_audit_author.pdbx_ordinal 
'Rypniewski, W.' 1 
'Adamiak, D.A.'  2 
'Milecki, J.'    3 
'Adamiak, R.W.'  4 
# 
_citation.id                        primary 
_citation.title                     
'Noncanonical G(syn)-G(anti) base pairs stabilized by sulphate anions in two X-ray structures of the (GUGGUCUGAUGAGGCC) RNA duplex.' 
_citation.journal_abbrev            Rna 
_citation.journal_volume            14 
_citation.page_first                1845 
_citation.page_last                 1851 
_citation.year                      2008 
_citation.journal_id_ASTM           RNARFU 
_citation.country                   UK 
_citation.journal_id_ISSN           1355-8382 
_citation.journal_id_CSD            2122 
_citation.book_publisher            ? 
_citation.pdbx_database_id_PubMed   18658118 
_citation.pdbx_database_id_DOI      10.1261/rna.1164308 
# 
loop_
_citation_author.citation_id 
_citation_author.name 
_citation_author.ordinal 
_citation_author.identifier_ORCID 
primary 'Rypniewski, W.' 1 ? 
primary 'Adamiak, D.A.'  2 ? 
primary 'Milecki, J.'    3 ? 
primary 'Adamiak, R.W.'  4 ? 
# 
loop_
_entity.id 
_entity.type 
_entity.src_method 
_entity.pdbx_description 
_entity.formula_weight 
_entity.pdbx_number_of_molecules 
_entity.pdbx_ec 
_entity.pdbx_mutation 
_entity.pdbx_fragment 
_entity.details 
1 polymer     syn 
;RNA (5'-R(*G*UP*GP*GP*UP*CP*UP*GP*AP*UP*GP*AP*GP*GP*CP*C)-3')
;
5170.103 1  ? ? 'duplex formed by the shorter strands of hammerhead ribozyme' ? 
2 non-polymer syn 'SULFATE ION'                                                   96.063   1  ? ? ? ? 
3 water       nat water                                                           18.015   69 ? ? ? ? 
# 
_entity_poly.entity_id                      1 
_entity_poly.type                           polyribonucleotide 
_entity_poly.nstd_linkage                   no 
_entity_poly.nstd_monomer                   no 
_entity_poly.pdbx_seq_one_letter_code       GUGGUCUGAUGAGGCC 
_entity_poly.pdbx_seq_one_letter_code_can   GUGGUCUGAUGAGGCC 
_entity_poly.pdbx_strand_id                 X 
_entity_poly.pdbx_target_identifier         ? 
# 
loop_
_pdbx_entity_nonpoly.entity_id 
_pdbx_entity_nonpoly.name 
_pdbx_entity_nonpoly.comp_id 
2 'SULFATE ION' SO4 
3 water         HOH 
# 
loop_
_entity_poly_seq.entity_id 
_entity_poly_seq.num 
_entity_poly_seq.mon_id 
_entity_poly_seq.hetero 
1 1  G n 
1 2  U n 
1 3  G n 
1 4  G n 
1 5  U n 
1 6  C n 
1 7  U n 
1 8  G n 
1 9  A n 
1 10 U n 
1 11 G n 
1 12 A n 
1 13 G n 
1 14 G n 
1 15 C n 
1 16 C n 
# 
loop_
_chem_comp.id 
_chem_comp.type 
_chem_comp.mon_nstd_flag 
_chem_comp.name 
_chem_comp.pdbx_synonyms 
_chem_comp.formula 
_chem_comp.formula_weight 
A   'RNA linking' y "ADENOSINE-5'-MONOPHOSPHATE" ? 'C10 H14 N5 O7 P' 347.221 
C   'RNA linking' y "CYTIDINE-5'-MONOPHOSPHATE"  ? 'C9 H14 N3 O8 P'  323.197 
G   'RNA linking' y "GUANOSINE-5'-MONOPHOSPHATE" ? 'C10 H14 N5 O8 P' 363.221 
HOH non-polymer   . WATER                        ? 'H2 O'            18.015  
SO4 non-polymer   . 'SULFATE ION'                ? 'O4 S -2'         96.063  
U   'RNA linking' y "URIDINE-5'-MONOPHOSPHATE"   ? 'C9 H13 N2 O9 P'  324.181 
# 
loop_
_pdbx_poly_seq_scheme.asym_id 
_pdbx_poly_seq_scheme.entity_id 
_pdbx_poly_seq_scheme.seq_id 
_pdbx_poly_seq_scheme.mon_id 
_pdbx_poly_seq_scheme.ndb_seq_num 
_pdbx_poly_seq_scheme.pdb_seq_num 
_pdbx_poly_seq_scheme.auth_seq_num 
_pdbx_poly_seq_scheme.pdb_mon_id 
_pdbx_poly_seq_scheme.auth_mon_id 
_pdbx_poly_seq_scheme.pdb_strand_id 
_pdbx_poly_seq_scheme.pdb_ins_code 
_pdbx_poly_seq_scheme.hetero 
A 1 1  G 1  1  ?  ? ? X . n 
A 1 2  U 2  2  2  U U X . n 
A 1 3  G 3  3  3  G G X . n 
A 1 4  G 4  4  4  G G X . n 
A 1 5  U 5  5  5  U U X . n 
A 1 6  C 6  6  6  C C X . n 
A 1 7  U 7  7  7  U U X . n 
A 1 8  G 8  8  8  G G X . n 
A 1 9  A 9  9  9  A A X . n 
A 1 10 U 10 10 10 U U X . n 
A 1 11 G 11 11 11 G G X . n 
A 1 12 A 12 12 12 A A X . n 
A 1 13 G 13 13 13 G G X . n 
A 1 14 G 14 14 14 G G X . n 
A 1 15 C 15 15 15 C C X . n 
A 1 16 C 16 16 16 C C X . n 
# 
loop_
_pdbx_nonpoly_scheme.asym_id 
_pdbx_nonpoly_scheme.entity_id 
_pdbx_nonpoly_scheme.mon_id 
_pdbx_nonpoly_scheme.ndb_seq_num 
_pdbx_nonpoly_scheme.pdb_seq_num 
_pdbx_nonpoly_scheme.auth_seq_num 
_pdbx_nonpoly_scheme.pdb_mon_id 
_pdbx_nonpoly_scheme.auth_mon_id 
_pdbx_nonpoly_scheme.pdb_strand_id 
_pdbx_nonpoly_scheme.pdb_ins_code 
B 2 SO4 1  501 501 SO4 SO4 X . 
C 3 HOH 1  502 1   HOH HOH X . 
C 3 HOH 2  503 2   HOH HOH X . 
C 3 HOH 3  504 3   HOH HOH X . 
C 3 HOH 4  505 4   HOH HOH X . 
C 3 HOH 5  506 5   HOH HOH X . 
C 3 HOH 6  507 6   HOH HOH X . 
C 3 HOH 7  508 7   HOH HOH X . 
C 3 HOH 8  509 8   HOH HOH X . 
C 3 HOH 9  510 9   HOH HOH X . 
C 3 HOH 10 511 10  HOH HOH X . 
C 3 HOH 11 512 11  HOH HOH X . 
C 3 HOH 12 513 12  HOH HOH X . 
C 3 HOH 13 514 13  HOH HOH X . 
C 3 HOH 14 515 14  HOH HOH X . 
C 3 HOH 15 516 15  HOH HOH X . 
C 3 HOH 16 517 16  HOH HOH X . 
C 3 HOH 17 518 17  HOH HOH X . 
C 3 HOH 18 519 18  HOH HOH X . 
C 3 HOH 19 520 19  HOH HOH X . 
C 3 HOH 20 521 20  HOH HOH X . 
C 3 HOH 21 522 21  HOH HOH X . 
C 3 HOH 22 523 22  HOH HOH X . 
C 3 HOH 23 524 23  HOH HOH X . 
C 3 HOH 24 525 24  HOH HOH X . 
C 3 HOH 25 526 25  HOH HOH X . 
C 3 HOH 26 527 26  HOH HOH X . 
C 3 HOH 27 528 27  HOH HOH X . 
C 3 HOH 28 529 28  HOH HOH X . 
C 3 HOH 29 530 29  HOH HOH X . 
C 3 HOH 30 531 30  HOH HOH X . 
C 3 HOH 31 532 31  HOH HOH X . 
C 3 HOH 32 533 32  HOH HOH X . 
C 3 HOH 33 534 33  HOH HOH X . 
C 3 HOH 34 535 34  HOH HOH X . 
C 3 HOH 35 536 35  HOH HOH X . 
C 3 HOH 36 537 36  HOH HOH X . 
C 3 HOH 37 538 37  HOH HOH X . 
C 3 HOH 38 539 38  HOH HOH X . 
C 3 HOH 39 540 39  HOH HOH X . 
C 3 HOH 40 541 40  HOH HOH X . 
C 3 HOH 41 542 41  HOH HOH X . 
C 3 HOH 42 543 42  HOH HOH X . 
C 3 HOH 43 544 43  HOH HOH X . 
C 3 HOH 44 545 44  HOH HOH X . 
C 3 HOH 45 546 45  HOH HOH X . 
C 3 HOH 46 547 46  HOH HOH X . 
C 3 HOH 47 548 47  HOH HOH X . 
C 3 HOH 48 549 48  HOH HOH X . 
C 3 HOH 49 550 49  HOH HOH X . 
C 3 HOH 50 551 50  HOH HOH X . 
C 3 HOH 51 552 51  HOH HOH X . 
C 3 HOH 52 553 52  HOH HOH X . 
C 3 HOH 53 554 53  HOH HOH X . 
C 3 HOH 54 555 54  HOH HOH X . 
C 3 HOH 55 556 55  HOH HOH X . 
C 3 HOH 56 557 56  HOH HOH X . 
C 3 HOH 57 558 57  HOH HOH X . 
C 3 HOH 58 559 58  HOH HOH X . 
C 3 HOH 59 560 59  HOH HOH X . 
C 3 HOH 60 561 60  HOH HOH X . 
C 3 HOH 61 562 61  HOH HOH X . 
C 3 HOH 62 563 62  HOH HOH X . 
C 3 HOH 63 564 63  HOH HOH X . 
C 3 HOH 64 565 64  HOH HOH X . 
C 3 HOH 65 566 65  HOH HOH X . 
C 3 HOH 66 567 66  HOH HOH X . 
C 3 HOH 67 568 67  HOH HOH X . 
C 3 HOH 68 569 68  HOH HOH X . 
C 3 HOH 69 570 69  HOH HOH X . 
# 
loop_
_pdbx_unobs_or_zero_occ_atoms.id 
_pdbx_unobs_or_zero_occ_atoms.PDB_model_num 
_pdbx_unobs_or_zero_occ_atoms.polymer_flag 
_pdbx_unobs_or_zero_occ_atoms.occupancy_flag 
_pdbx_unobs_or_zero_occ_atoms.auth_asym_id 
_pdbx_unobs_or_zero_occ_atoms.auth_comp_id 
_pdbx_unobs_or_zero_occ_atoms.auth_seq_id 
_pdbx_unobs_or_zero_occ_atoms.PDB_ins_code 
_pdbx_unobs_or_zero_occ_atoms.auth_atom_id 
_pdbx_unobs_or_zero_occ_atoms.label_alt_id 
_pdbx_unobs_or_zero_occ_atoms.label_asym_id 
_pdbx_unobs_or_zero_occ_atoms.label_comp_id 
_pdbx_unobs_or_zero_occ_atoms.label_seq_id 
_pdbx_unobs_or_zero_occ_atoms.label_atom_id 
1  1 Y 1 X U 2 ? P     ? A U 2 P     
2  1 Y 1 X U 2 ? OP1   ? A U 2 OP1   
3  1 Y 1 X U 2 ? OP2   ? A U 2 OP2   
4  1 Y 1 X U 2 ? "O5'" ? A U 2 "O5'" 
5  1 Y 1 X U 2 ? "C5'" ? A U 2 "C5'" 
6  1 Y 1 X U 2 ? "C4'" ? A U 2 "C4'" 
7  1 Y 1 X U 2 ? "O4'" ? A U 2 "O4'" 
8  1 Y 1 X U 2 ? "C3'" ? A U 2 "C3'" 
9  1 Y 1 X U 2 ? "C2'" ? A U 2 "C2'" 
10 1 Y 1 X U 2 ? "O2'" ? A U 2 "O2'" 
11 1 Y 1 X U 2 ? "C1'" ? A U 2 "C1'" 
12 1 Y 1 X U 2 ? N1    ? A U 2 N1    
13 1 Y 1 X U 2 ? C2    ? A U 2 C2    
14 1 Y 1 X U 2 ? O2    ? A U 2 O2    
15 1 Y 1 X U 2 ? N3    ? A U 2 N3    
16 1 Y 1 X U 2 ? C4    ? A U 2 C4    
17 1 Y 1 X U 2 ? O4    ? A U 2 O4    
18 1 Y 1 X U 2 ? C5    ? A U 2 C5    
19 1 Y 1 X U 2 ? C6    ? A U 2 C6    
# 
loop_
_software.name 
_software.classification 
_software.version 
_software.citation_id 
_software.pdbx_ordinal 
MAR345    'data collection' .   ? 1 
MOLREP    phasing           .   ? 2 
REFMAC    refinement        5.2 ? 3 
DENZO     'data reduction'  .   ? 4 
SCALEPACK 'data scaling'    .   ? 5 
# 
_cell.entry_id           3CZW 
_cell.length_a           56.035 
_cell.length_b           31.863 
_cell.length_c           39.804 
_cell.angle_alpha        90.00 
_cell.angle_beta         134.35 
_cell.angle_gamma        90.00 
_cell.Z_PDB              4 
_cell.pdbx_unique_axis   ? 
_cell.length_a_esd       ? 
_cell.length_b_esd       ? 
_cell.length_c_esd       ? 
_cell.angle_alpha_esd    ? 
_cell.angle_beta_esd     ? 
_cell.angle_gamma_esd    ? 
# 
_symmetry.entry_id                         3CZW 
_symmetry.space_group_name_H-M             'C 1 2 1' 
_symmetry.pdbx_full_space_group_name_H-M   ? 
_symmetry.Int_Tables_number                5 
_symmetry.cell_setting                     ? 
_symmetry.space_group_name_Hall            ? 
# 
_exptl.entry_id          3CZW 
_exptl.method            'X-RAY DIFFRACTION' 
_exptl.crystals_number   1 
# 
_exptl_crystal.id                    1 
_exptl_crystal.density_meas          ? 
_exptl_crystal.density_Matthews      2.46 
_exptl_crystal.density_percent_sol   49.95 
_exptl_crystal.description           ? 
_exptl_crystal.F_000                 ? 
_exptl_crystal.preparation           ? 
# 
_exptl_crystal_grow.crystal_id      1 
_exptl_crystal_grow.method          'VAPOR DIFFUSION, SITTING DROP' 
_exptl_crystal_grow.temp            293 
_exptl_crystal_grow.temp_details    ? 
_exptl_crystal_grow.pH              6.0 
_exptl_crystal_grow.pdbx_pH_range   ? 
_exptl_crystal_grow.pdbx_details    
'1.3 M lithium sulphate, 100 mM cacodylate buffer, pH 6.0, VAPOR DIFFUSION, SITTING DROP, temperature 293K' 
# 
loop_
_exptl_crystal_grow_comp.crystal_id 
_exptl_crystal_grow_comp.id 
_exptl_crystal_grow_comp.sol_id 
_exptl_crystal_grow_comp.name 
_exptl_crystal_grow_comp.conc 
_exptl_crystal_grow_comp.volume 
_exptl_crystal_grow_comp.details 
1 1 1 Li2SO4     ? ? ? 
1 2 1 cacodylate ? ? ? 
1 3 2 Li2SO4     ? ? ? 
# 
_diffrn.id                     1 
_diffrn.ambient_temp           100 
_diffrn.ambient_temp_details   ? 
_diffrn.crystal_id             1 
# 
_diffrn_detector.diffrn_id              1 
_diffrn_detector.detector               CCD 
_diffrn_detector.type                   'MAR CCD 165 mm' 
_diffrn_detector.pdbx_collection_date   2004-01-26 
_diffrn_detector.details                ? 
# 
_diffrn_radiation.diffrn_id                        1 
_diffrn_radiation.wavelength_id                    1 
_diffrn_radiation.pdbx_monochromatic_or_laue_m_l   M 
_diffrn_radiation.monochromator                    'Si 111' 
_diffrn_radiation.pdbx_diffrn_protocol             'SINGLE WAVELENGTH' 
_diffrn_radiation.pdbx_scattering_type             x-ray 
# 
_diffrn_radiation_wavelength.id           1 
_diffrn_radiation_wavelength.wavelength   0.8115 
_diffrn_radiation_wavelength.wt           1.0 
# 
_diffrn_source.diffrn_id                   1 
_diffrn_source.source                      SYNCHROTRON 
_diffrn_source.type                        'EMBL/DESY, HAMBURG BEAMLINE X11' 
_diffrn_source.pdbx_synchrotron_site       'EMBL/DESY, HAMBURG' 
_diffrn_source.pdbx_synchrotron_beamline   X11 
_diffrn_source.pdbx_wavelength             ? 
_diffrn_source.pdbx_wavelength_list        0.8115 
# 
_reflns.entry_id                     3CZW 
_reflns.observed_criterion_sigma_I   0 
_reflns.observed_criterion_sigma_F   0 
_reflns.d_resolution_low             20 
_reflns.d_resolution_high            1.40 
_reflns.number_obs                   9874 
_reflns.number_all                   9874 
_reflns.percent_possible_obs         98.5 
_reflns.pdbx_Rmerge_I_obs            ? 
_reflns.pdbx_Rsym_value              0.082 
_reflns.pdbx_netI_over_sigmaI        19 
_reflns.B_iso_Wilson_estimate        18.00 
_reflns.pdbx_redundancy              6.4 
_reflns.R_free_details               ? 
_reflns.pdbx_chi_squared             ? 
_reflns.pdbx_scaling_rejects         ? 
_reflns.pdbx_diffrn_id               1 
_reflns.pdbx_ordinal                 1 
# 
_reflns_shell.d_res_high             1.40 
_reflns_shell.d_res_low              1.42 
_reflns_shell.percent_possible_all   98.9 
_reflns_shell.Rmerge_I_obs           ? 
_reflns_shell.pdbx_Rsym_value        0.760 
_reflns_shell.meanI_over_sigI_obs    2.5 
_reflns_shell.pdbx_redundancy        5.3 
_reflns_shell.percent_possible_obs   ? 
_reflns_shell.number_unique_all      ? 
_reflns_shell.number_measured_all    ? 
_reflns_shell.number_measured_obs    ? 
_reflns_shell.number_unique_obs      ? 
_reflns_shell.pdbx_chi_squared       ? 
_reflns_shell.pdbx_diffrn_id         ? 
_reflns_shell.pdbx_ordinal           1 
# 
_refine.entry_id                                 3CZW 
_refine.ls_number_reflns_obs                     9686 
_refine.ls_number_reflns_all                     9686 
_refine.pdbx_ls_sigma_I                          ? 
_refine.pdbx_ls_sigma_F                          0. 
_refine.pdbx_data_cutoff_high_absF               ? 
_refine.pdbx_data_cutoff_low_absF                ? 
_refine.pdbx_data_cutoff_high_rms_absF           ? 
_refine.ls_d_res_low                             20.00 
_refine.ls_d_res_high                            1.40 
_refine.ls_percent_reflns_obs                    100.00 
_refine.ls_R_factor_obs                          0.19782 
_refine.ls_R_factor_all                          ? 
_refine.ls_R_factor_R_work                       0.197 
_refine.ls_R_factor_R_free                       0.227 
_refine.ls_R_factor_R_free_error                 ? 
_refine.ls_R_factor_R_free_error_details         ? 
_refine.ls_percent_reflns_R_free                 1.9 
_refine.ls_number_reflns_R_free                  187 
_refine.ls_number_parameters                     ? 
_refine.ls_number_restraints                     ? 
_refine.occupancy_min                            ? 
_refine.occupancy_max                            ? 
_refine.correlation_coeff_Fo_to_Fc               0.972 
_refine.correlation_coeff_Fo_to_Fc_free          0.952 
_refine.B_iso_mean                               26.537 
_refine.aniso_B[1][1]                            1.57 
_refine.aniso_B[2][2]                            -1.27 
_refine.aniso_B[3][3]                            3.54 
_refine.aniso_B[1][2]                            0.00 
_refine.aniso_B[1][3]                            2.74 
_refine.aniso_B[2][3]                            0.00 
_refine.solvent_model_details                    'BABINET MODEL WITH MASK' 
_refine.solvent_model_param_ksol                 ? 
_refine.solvent_model_param_bsol                 ? 
_refine.pdbx_solvent_vdw_probe_radii             1.20 
_refine.pdbx_solvent_ion_probe_radii             0.80 
_refine.pdbx_solvent_shrinkage_radii             0.80 
_refine.pdbx_ls_cross_valid_method               THROUGHOUT 
_refine.details                                  ? 
_refine.pdbx_starting_model                      'a short duplex GUCU:CGGA taken from NDB: RR0033' 
_refine.pdbx_method_to_determine_struct          'MOLECULAR REPLACEMENT' 
_refine.pdbx_isotropic_thermal_model             isotropic 
_refine.pdbx_stereochemistry_target_values       'ENGH & HUBER' 
_refine.pdbx_stereochem_target_val_spec_case     ? 
_refine.pdbx_R_Free_selection_details            RANDOM 
_refine.pdbx_overall_ESU_R                       0.060 
_refine.pdbx_overall_ESU_R_Free                  0.065 
_refine.overall_SU_ML                            0.076 
_refine.pdbx_overall_phase_error                 ? 
_refine.overall_SU_B                             2.392 
_refine.ls_redundancy_reflns_obs                 ? 
_refine.overall_SU_R_Cruickshank_DPI             ? 
_refine.overall_SU_R_free                        ? 
_refine.ls_wR_factor_R_free                      ? 
_refine.ls_wR_factor_R_work                      ? 
_refine.overall_FOM_free_R_set                   ? 
_refine.overall_FOM_work_R_set                   ? 
_refine.pdbx_refine_id                           'X-RAY DIFFRACTION' 
_refine.pdbx_diffrn_id                           1 
_refine.pdbx_TLS_residual_ADP_flag               ? 
_refine.pdbx_overall_SU_R_free_Cruickshank_DPI   ? 
_refine.pdbx_overall_SU_R_Blow_DPI               ? 
_refine.pdbx_overall_SU_R_free_Blow_DPI          ? 
# 
_refine_analyze.entry_id                        3CZW 
_refine_analyze.Luzzati_coordinate_error_obs    ? 
_refine_analyze.Luzzati_sigma_a_obs             ? 
_refine_analyze.Luzzati_d_res_low_obs           ? 
_refine_analyze.Luzzati_coordinate_error_free   0.060 
_refine_analyze.Luzzati_sigma_a_free            0.065 
_refine_analyze.Luzzati_d_res_low_free          ? 
_refine_analyze.number_disordered_residues      ? 
_refine_analyze.occupancy_sum_hydrogen          ? 
_refine_analyze.occupancy_sum_non_hydrogen      ? 
_refine_analyze.pdbx_refine_id                  'X-RAY DIFFRACTION' 
# 
_refine_hist.pdbx_refine_id                   'X-RAY DIFFRACTION' 
_refine_hist.cycle_id                         LAST 
_refine_hist.pdbx_number_atoms_protein        0 
_refine_hist.pdbx_number_atoms_nucleic_acid   303 
_refine_hist.pdbx_number_atoms_ligand         5 
_refine_hist.number_atoms_solvent             69 
_refine_hist.number_atoms_total               377 
_refine_hist.d_res_high                       1.40 
_refine_hist.d_res_low                        20.00 
# 
loop_
_refine_ls_restr.type 
_refine_ls_restr.dev_ideal 
_refine_ls_restr.dev_ideal_target 
_refine_ls_restr.weight 
_refine_ls_restr.number 
_refine_ls_restr.pdbx_refine_id 
_refine_ls_restr.pdbx_restraint_function 
r_bond_refined_d             0.019 0.021 ? 342 'X-RAY DIFFRACTION' ? 
r_bond_other_d               ?     ?     ? ?   'X-RAY DIFFRACTION' ? 
r_angle_refined_deg          2.483 3.000 ? 533 'X-RAY DIFFRACTION' ? 
r_angle_other_deg            ?     ?     ? ?   'X-RAY DIFFRACTION' ? 
r_dihedral_angle_1_deg       ?     ?     ? ?   'X-RAY DIFFRACTION' ? 
r_dihedral_angle_2_deg       ?     ?     ? ?   'X-RAY DIFFRACTION' ? 
r_dihedral_angle_3_deg       ?     ?     ? ?   'X-RAY DIFFRACTION' ? 
r_dihedral_angle_4_deg       ?     ?     ? ?   'X-RAY DIFFRACTION' ? 
r_chiral_restr               0.104 0.200 ? 70  'X-RAY DIFFRACTION' ? 
r_gen_planes_refined         0.016 0.020 ? 148 'X-RAY DIFFRACTION' ? 
r_gen_planes_other           ?     ?     ? ?   'X-RAY DIFFRACTION' ? 
r_nbd_refined                0.180 0.200 ? 124 'X-RAY DIFFRACTION' ? 
r_nbd_other                  ?     ?     ? ?   'X-RAY DIFFRACTION' ? 
r_nbtor_refined              0.284 0.200 ? 227 'X-RAY DIFFRACTION' ? 
r_nbtor_other                ?     ?     ? ?   'X-RAY DIFFRACTION' ? 
r_xyhbond_nbd_refined        0.173 0.200 ? 43  'X-RAY DIFFRACTION' ? 
r_xyhbond_nbd_other          ?     ?     ? ?   'X-RAY DIFFRACTION' ? 
r_metal_ion_refined          ?     ?     ? ?   'X-RAY DIFFRACTION' ? 
r_metal_ion_other            ?     ?     ? ?   'X-RAY DIFFRACTION' ? 
r_symmetry_vdw_refined       0.124 0.200 ? 30  'X-RAY DIFFRACTION' ? 
r_symmetry_vdw_other         ?     ?     ? ?   'X-RAY DIFFRACTION' ? 
r_symmetry_hbond_refined     0.141 0.200 ? 21  'X-RAY DIFFRACTION' ? 
r_symmetry_hbond_other       ?     ?     ? ?   'X-RAY DIFFRACTION' ? 
r_symmetry_metal_ion_refined ?     ?     ? ?   'X-RAY DIFFRACTION' ? 
r_symmetry_metal_ion_other   ?     ?     ? ?   'X-RAY DIFFRACTION' ? 
r_mcbond_it                  ?     ?     ? ?   'X-RAY DIFFRACTION' ? 
r_mcbond_other               ?     ?     ? ?   'X-RAY DIFFRACTION' ? 
r_mcangle_it                 ?     ?     ? ?   'X-RAY DIFFRACTION' ? 
r_scbond_it                  1.959 3.000 ? 496 'X-RAY DIFFRACTION' ? 
r_scangle_it                 2.826 4.500 ? 533 'X-RAY DIFFRACTION' ? 
r_rigid_bond_restr           ?     ?     ? ?   'X-RAY DIFFRACTION' ? 
r_sphericity_free            ?     ?     ? ?   'X-RAY DIFFRACTION' ? 
r_sphericity_bonded          ?     ?     ? ?   'X-RAY DIFFRACTION' ? 
# 
_refine_ls_shell.pdbx_total_number_of_bins_used   20 
_refine_ls_shell.d_res_high                       1.400 
_refine_ls_shell.d_res_low                        1.436 
_refine_ls_shell.number_reflns_R_work             712 
_refine_ls_shell.R_factor_R_work                  0.356 
_refine_ls_shell.percent_reflns_obs               100.00 
_refine_ls_shell.R_factor_R_free                  0.313 
_refine_ls_shell.R_factor_R_free_error            ? 
_refine_ls_shell.percent_reflns_R_free            ? 
_refine_ls_shell.number_reflns_R_free             15 
_refine_ls_shell.number_reflns_all                ? 
_refine_ls_shell.R_factor_all                     ? 
_refine_ls_shell.redundancy_reflns_obs            ? 
_refine_ls_shell.number_reflns_obs                ? 
_refine_ls_shell.pdbx_refine_id                   'X-RAY DIFFRACTION' 
# 
_struct.entry_id                  3CZW 
_struct.title                     'X-ray structures of the (GUGGUCUGAUGAGGCC) RNA duplex' 
_struct.pdbx_model_details        ? 
_struct.pdbx_CASP_flag            N 
_struct.pdbx_model_type_details   ? 
# 
_struct_keywords.entry_id        3CZW 
_struct_keywords.pdbx_keywords   RNA 
_struct_keywords.text            'RNA, duplex, base pairing, G(syn) - G(anti), sulphate anion' 
# 
loop_
_struct_asym.id 
_struct_asym.pdbx_blank_PDB_chainid_flag 
_struct_asym.pdbx_modified 
_struct_asym.entity_id 
_struct_asym.details 
A N N 1 ? 
B N N 2 ? 
C N N 3 ? 
# 
_struct_ref.id                         1 
_struct_ref.db_name                    PDB 
_struct_ref.db_code                    3CZW 
_struct_ref.pdbx_db_accession          3CZW 
_struct_ref.entity_id                  1 
_struct_ref.pdbx_align_begin           ? 
_struct_ref.pdbx_seq_one_letter_code   ? 
_struct_ref.pdbx_db_isoform            ? 
# 
_struct_ref_seq.align_id                      1 
_struct_ref_seq.ref_id                        1 
_struct_ref_seq.pdbx_PDB_id_code              3CZW 
_struct_ref_seq.pdbx_strand_id                X 
_struct_ref_seq.seq_align_beg                 1 
_struct_ref_seq.pdbx_seq_align_beg_ins_code   ? 
_struct_ref_seq.seq_align_end                 16 
_struct_ref_seq.pdbx_seq_align_end_ins_code   ? 
_struct_ref_seq.pdbx_db_accession             3CZW 
_struct_ref_seq.db_align_beg                  1 
_struct_ref_seq.pdbx_db_align_beg_ins_code    ? 
_struct_ref_seq.db_align_end                  16 
_struct_ref_seq.pdbx_db_align_end_ins_code    ? 
_struct_ref_seq.pdbx_auth_seq_align_beg       1 
_struct_ref_seq.pdbx_auth_seq_align_end       16 
# 
_pdbx_struct_assembly.id                   1 
_pdbx_struct_assembly.details              author_and_software_defined_assembly 
_pdbx_struct_assembly.method_details       PISA 
_pdbx_struct_assembly.oligomeric_details   dimeric 
_pdbx_struct_assembly.oligomeric_count     2 
# 
loop_
_pdbx_struct_assembly_prop.biol_id 
_pdbx_struct_assembly_prop.type 
_pdbx_struct_assembly_prop.value 
_pdbx_struct_assembly_prop.details 
1 'ABSA (A^2)' 1630 ? 
1 MORE         -32  ? 
1 'SSA (A^2)'  5360 ? 
# 
_pdbx_struct_assembly_gen.assembly_id       1 
_pdbx_struct_assembly_gen.oper_expression   1,2 
_pdbx_struct_assembly_gen.asym_id_list      A,B,C 
# 
loop_
_pdbx_struct_oper_list.id 
_pdbx_struct_oper_list.type 
_pdbx_struct_oper_list.name 
_pdbx_struct_oper_list.symmetry_operation 
_pdbx_struct_oper_list.matrix[1][1] 
_pdbx_struct_oper_list.matrix[1][2] 
_pdbx_struct_oper_list.matrix[1][3] 
_pdbx_struct_oper_list.vector[1] 
_pdbx_struct_oper_list.matrix[2][1] 
_pdbx_struct_oper_list.matrix[2][2] 
_pdbx_struct_oper_list.matrix[2][3] 
_pdbx_struct_oper_list.vector[2] 
_pdbx_struct_oper_list.matrix[3][1] 
_pdbx_struct_oper_list.matrix[3][2] 
_pdbx_struct_oper_list.matrix[3][3] 
_pdbx_struct_oper_list.vector[3] 
1 'identity operation'         1_555 x,y,z   1.0000000000  0.0000000000 0.0000000000  0.0000000000 0.0000000000 1.0000000000 0.0000000000  0.0000000000  0.0000000000  0.0000000000  1.0000000000  0.0000000000 
2 'crystal symmetry operation' 2_555 -x,y,-z -0.7203616655 0.6031397324 -0.3424931154 5.2930491271 0.6031397324 0.3008857939 -0.7387084690 -1.4613758083 -0.3424931154 -0.7387084690 -0.5805241284 1.7481391641 
# 
_struct_biol.id        1 
_struct_biol.details   ? 
# 
loop_
_struct_conn.id 
_struct_conn.conn_type_id 
_struct_conn.pdbx_leaving_atom_flag 
_struct_conn.pdbx_PDB_id 
_struct_conn.ptnr1_label_asym_id 
_struct_conn.ptnr1_label_comp_id 
_struct_conn.ptnr1_label_seq_id 
_struct_conn.ptnr1_label_atom_id 
_struct_conn.pdbx_ptnr1_label_alt_id 
_struct_conn.pdbx_ptnr1_PDB_ins_code 
_struct_conn.pdbx_ptnr1_standard_comp_id 
_struct_conn.ptnr1_symmetry 
_struct_conn.ptnr2_label_asym_id 
_struct_conn.ptnr2_label_comp_id 
_struct_conn.ptnr2_label_seq_id 
_struct_conn.ptnr2_label_atom_id 
_struct_conn.pdbx_ptnr2_label_alt_id 
_struct_conn.pdbx_ptnr2_PDB_ins_code 
_struct_conn.ptnr1_auth_asym_id 
_struct_conn.ptnr1_auth_comp_id 
_struct_conn.ptnr1_auth_seq_id 
_struct_conn.ptnr2_auth_asym_id 
_struct_conn.ptnr2_auth_comp_id 
_struct_conn.ptnr2_auth_seq_id 
_struct_conn.ptnr2_symmetry 
_struct_conn.pdbx_ptnr3_label_atom_id 
_struct_conn.pdbx_ptnr3_label_seq_id 
_struct_conn.pdbx_ptnr3_label_comp_id 
_struct_conn.pdbx_ptnr3_label_asym_id 
_struct_conn.pdbx_ptnr3_label_alt_id 
_struct_conn.pdbx_ptnr3_PDB_ins_code 
_struct_conn.details 
_struct_conn.pdbx_dist_value 
_struct_conn.pdbx_value_order 
_struct_conn.pdbx_role 
hydrog1  hydrog ? ? A G 3  N1 ? ? ? 1_555 A C 16 N3 ? ? X G 3  X C 16 2_555 ? ? ? ? ? ? WATSON-CRICK ? ? ? 
hydrog2  hydrog ? ? A G 3  N2 ? ? ? 1_555 A C 16 O2 ? ? X G 3  X C 16 2_555 ? ? ? ? ? ? WATSON-CRICK ? ? ? 
hydrog3  hydrog ? ? A G 3  O6 ? ? ? 1_555 A C 16 N4 ? ? X G 3  X C 16 2_555 ? ? ? ? ? ? WATSON-CRICK ? ? ? 
hydrog4  hydrog ? ? A G 4  N1 ? ? ? 1_555 A C 15 N3 ? ? X G 4  X C 15 2_555 ? ? ? ? ? ? WATSON-CRICK ? ? ? 
hydrog5  hydrog ? ? A G 4  N2 ? ? ? 1_555 A C 15 O2 ? ? X G 4  X C 15 2_555 ? ? ? ? ? ? WATSON-CRICK ? ? ? 
hydrog6  hydrog ? ? A G 4  O6 ? ? ? 1_555 A C 15 N4 ? ? X G 4  X C 15 2_555 ? ? ? ? ? ? WATSON-CRICK ? ? ? 
hydrog7  hydrog ? ? A U 5  N3 ? ? ? 1_555 A G 14 O6 ? ? X U 5  X G 14 2_555 ? ? ? ? ? ? TYPE_28_PAIR ? ? ? 
hydrog8  hydrog ? ? A U 5  O2 ? ? ? 1_555 A G 14 N1 ? ? X U 5  X G 14 2_555 ? ? ? ? ? ? TYPE_28_PAIR ? ? ? 
hydrog9  hydrog ? ? A C 6  N3 ? ? ? 1_555 A G 13 N1 ? ? X C 6  X G 13 2_555 ? ? ? ? ? ? WATSON-CRICK ? ? ? 
hydrog10 hydrog ? ? A C 6  N4 ? ? ? 1_555 A G 13 O6 ? ? X C 6  X G 13 2_555 ? ? ? ? ? ? WATSON-CRICK ? ? ? 
hydrog11 hydrog ? ? A C 6  O2 ? ? ? 1_555 A G 13 N2 ? ? X C 6  X G 13 2_555 ? ? ? ? ? ? WATSON-CRICK ? ? ? 
hydrog12 hydrog ? ? A U 7  N3 ? ? ? 1_555 A A 12 N1 ? ? X U 7  X A 12 2_555 ? ? ? ? ? ? WATSON-CRICK ? ? ? 
hydrog13 hydrog ? ? A U 7  O4 ? ? ? 1_555 A A 12 N6 ? ? X U 7  X A 12 2_555 ? ? ? ? ? ? WATSON-CRICK ? ? ? 
hydrog14 hydrog ? ? A G 8  N7 ? ? ? 1_555 A G 11 N2 ? ? X G 8  X G 11 2_555 ? ? ? ? ? ? TYPE_6_PAIR  ? ? ? 
hydrog15 hydrog ? ? A G 8  O6 ? ? ? 1_555 A G 11 N1 ? ? X G 8  X G 11 2_555 ? ? ? ? ? ? TYPE_6_PAIR  ? ? ? 
hydrog16 hydrog ? ? A A 9  N1 ? ? ? 1_555 A U 10 N3 ? ? X A 9  X U 10 2_555 ? ? ? ? ? ? WATSON-CRICK ? ? ? 
hydrog17 hydrog ? ? A A 9  N6 ? ? ? 1_555 A U 10 O4 ? ? X A 9  X U 10 2_555 ? ? ? ? ? ? WATSON-CRICK ? ? ? 
hydrog18 hydrog ? ? A U 10 N3 ? ? ? 1_555 A A 9  N1 ? ? X U 10 X A 9  2_555 ? ? ? ? ? ? WATSON-CRICK ? ? ? 
hydrog19 hydrog ? ? A U 10 O4 ? ? ? 1_555 A A 9  N6 ? ? X U 10 X A 9  2_555 ? ? ? ? ? ? WATSON-CRICK ? ? ? 
hydrog20 hydrog ? ? A G 11 N1 ? ? ? 1_555 A G 8  O6 ? ? X G 11 X G 8  2_555 ? ? ? ? ? ? TYPE_6_PAIR  ? ? ? 
hydrog21 hydrog ? ? A G 11 N2 ? ? ? 1_555 A G 8  N7 ? ? X G 11 X G 8  2_555 ? ? ? ? ? ? TYPE_6_PAIR  ? ? ? 
hydrog22 hydrog ? ? A A 12 N1 ? ? ? 1_555 A U 7  N3 ? ? X A 12 X U 7  2_555 ? ? ? ? ? ? WATSON-CRICK ? ? ? 
hydrog23 hydrog ? ? A A 12 N6 ? ? ? 1_555 A U 7  O4 ? ? X A 12 X U 7  2_555 ? ? ? ? ? ? WATSON-CRICK ? ? ? 
hydrog24 hydrog ? ? A G 13 N1 ? ? ? 1_555 A C 6  N3 ? ? X G 13 X C 6  2_555 ? ? ? ? ? ? WATSON-CRICK ? ? ? 
hydrog25 hydrog ? ? A G 13 N2 ? ? ? 1_555 A C 6  O2 ? ? X G 13 X C 6  2_555 ? ? ? ? ? ? WATSON-CRICK ? ? ? 
hydrog26 hydrog ? ? A G 13 O6 ? ? ? 1_555 A C 6  N4 ? ? X G 13 X C 6  2_555 ? ? ? ? ? ? WATSON-CRICK ? ? ? 
hydrog27 hydrog ? ? A G 14 N1 ? ? ? 1_555 A U 5  O2 ? ? X G 14 X U 5  2_555 ? ? ? ? ? ? TYPE_28_PAIR ? ? ? 
hydrog28 hydrog ? ? A G 14 O6 ? ? ? 1_555 A U 5  N3 ? ? X G 14 X U 5  2_555 ? ? ? ? ? ? TYPE_28_PAIR ? ? ? 
hydrog29 hydrog ? ? A C 15 N3 ? ? ? 1_555 A G 4  N1 ? ? X C 15 X G 4  2_555 ? ? ? ? ? ? WATSON-CRICK ? ? ? 
hydrog30 hydrog ? ? A C 15 N4 ? ? ? 1_555 A G 4  O6 ? ? X C 15 X G 4  2_555 ? ? ? ? ? ? WATSON-CRICK ? ? ? 
hydrog31 hydrog ? ? A C 15 O2 ? ? ? 1_555 A G 4  N2 ? ? X C 15 X G 4  2_555 ? ? ? ? ? ? WATSON-CRICK ? ? ? 
hydrog32 hydrog ? ? A C 16 N3 ? ? ? 1_555 A G 3  N1 ? ? X C 16 X G 3  2_555 ? ? ? ? ? ? WATSON-CRICK ? ? ? 
hydrog33 hydrog ? ? A C 16 N4 ? ? ? 1_555 A G 3  O6 ? ? X C 16 X G 3  2_555 ? ? ? ? ? ? WATSON-CRICK ? ? ? 
hydrog34 hydrog ? ? A C 16 O2 ? ? ? 1_555 A G 3  N2 ? ? X C 16 X G 3  2_555 ? ? ? ? ? ? WATSON-CRICK ? ? ? 
# 
_struct_conn_type.id          hydrog 
_struct_conn_type.criteria    ? 
_struct_conn_type.reference   ? 
# 
_struct_site.id                   AC1 
_struct_site.pdbx_evidence_code   Software 
_struct_site.pdbx_auth_asym_id    X 
_struct_site.pdbx_auth_comp_id    SO4 
_struct_site.pdbx_auth_seq_id     501 
_struct_site.pdbx_auth_ins_code   ? 
_struct_site.pdbx_num_residues    3 
_struct_site.details              'BINDING SITE FOR RESIDUE SO4 X 501' 
# 
loop_
_struct_site_gen.id 
_struct_site_gen.site_id 
_struct_site_gen.pdbx_num_res 
_struct_site_gen.label_comp_id 
_struct_site_gen.label_asym_id 
_struct_site_gen.label_seq_id 
_struct_site_gen.pdbx_auth_ins_code 
_struct_site_gen.auth_comp_id 
_struct_site_gen.auth_asym_id 
_struct_site_gen.auth_seq_id 
_struct_site_gen.label_atom_id 
_struct_site_gen.label_alt_id 
_struct_site_gen.symmetry 
_struct_site_gen.details 
1 AC1 3 HOH C . ? HOH X 538 . ? 1_555 ? 
2 AC1 3 HOH C . ? HOH X 539 . ? 1_555 ? 
3 AC1 3 HOH C . ? HOH X 568 . ? 1_555 ? 
# 
_pdbx_validate_close_contact.id               1 
_pdbx_validate_close_contact.PDB_model_num    1 
_pdbx_validate_close_contact.auth_atom_id_1   O1 
_pdbx_validate_close_contact.auth_asym_id_1   X 
_pdbx_validate_close_contact.auth_comp_id_1   SO4 
_pdbx_validate_close_contact.auth_seq_id_1    501 
_pdbx_validate_close_contact.PDB_ins_code_1   ? 
_pdbx_validate_close_contact.label_alt_id_1   ? 
_pdbx_validate_close_contact.auth_atom_id_2   O 
_pdbx_validate_close_contact.auth_asym_id_2   X 
_pdbx_validate_close_contact.auth_comp_id_2   HOH 
_pdbx_validate_close_contact.auth_seq_id_2    568 
_pdbx_validate_close_contact.PDB_ins_code_2   ? 
_pdbx_validate_close_contact.label_alt_id_2   ? 
_pdbx_validate_close_contact.dist             2.19 
# 
loop_
_pdbx_validate_rmsd_bond.id 
_pdbx_validate_rmsd_bond.PDB_model_num 
_pdbx_validate_rmsd_bond.auth_atom_id_1 
_pdbx_validate_rmsd_bond.auth_asym_id_1 
_pdbx_validate_rmsd_bond.auth_comp_id_1 
_pdbx_validate_rmsd_bond.auth_seq_id_1 
_pdbx_validate_rmsd_bond.PDB_ins_code_1 
_pdbx_validate_rmsd_bond.label_alt_id_1 
_pdbx_validate_rmsd_bond.auth_atom_id_2 
_pdbx_validate_rmsd_bond.auth_asym_id_2 
_pdbx_validate_rmsd_bond.auth_comp_id_2 
_pdbx_validate_rmsd_bond.auth_seq_id_2 
_pdbx_validate_rmsd_bond.PDB_ins_code_2 
_pdbx_validate_rmsd_bond.label_alt_id_2 
_pdbx_validate_rmsd_bond.bond_value 
_pdbx_validate_rmsd_bond.bond_target_value 
_pdbx_validate_rmsd_bond.bond_deviation 
_pdbx_validate_rmsd_bond.bond_standard_deviation 
_pdbx_validate_rmsd_bond.linker_flag 
1 1 "O5'" X U 5  ? ? "C5'" X U 5  ? ? 1.366 1.420 -0.054 0.009 N 
2 1 P     X G 11 ? ? "O5'" X G 11 ? ? 1.671 1.593 0.078  0.010 N 
3 1 "O5'" X G 11 ? ? "C5'" X G 11 ? ? 1.363 1.420 -0.057 0.009 N 
4 1 C6    X G 11 ? ? N1    X G 11 ? ? 1.435 1.391 0.044  0.007 N 
5 1 C5    X G 11 ? ? N7    X G 11 ? ? 1.434 1.388 0.046  0.006 N 
6 1 "O5'" X A 12 ? ? "C5'" X A 12 ? ? 1.356 1.420 -0.064 0.009 N 
7 1 N7    X G 14 ? ? C8    X G 14 ? ? 1.345 1.305 0.040  0.006 N 
# 
loop_
_pdbx_validate_rmsd_angle.id 
_pdbx_validate_rmsd_angle.PDB_model_num 
_pdbx_validate_rmsd_angle.auth_atom_id_1 
_pdbx_validate_rmsd_angle.auth_asym_id_1 
_pdbx_validate_rmsd_angle.auth_comp_id_1 
_pdbx_validate_rmsd_angle.auth_seq_id_1 
_pdbx_validate_rmsd_angle.PDB_ins_code_1 
_pdbx_validate_rmsd_angle.label_alt_id_1 
_pdbx_validate_rmsd_angle.auth_atom_id_2 
_pdbx_validate_rmsd_angle.auth_asym_id_2 
_pdbx_validate_rmsd_angle.auth_comp_id_2 
_pdbx_validate_rmsd_angle.auth_seq_id_2 
_pdbx_validate_rmsd_angle.PDB_ins_code_2 
_pdbx_validate_rmsd_angle.label_alt_id_2 
_pdbx_validate_rmsd_angle.auth_atom_id_3 
_pdbx_validate_rmsd_angle.auth_asym_id_3 
_pdbx_validate_rmsd_angle.auth_comp_id_3 
_pdbx_validate_rmsd_angle.auth_seq_id_3 
_pdbx_validate_rmsd_angle.PDB_ins_code_3 
_pdbx_validate_rmsd_angle.label_alt_id_3 
_pdbx_validate_rmsd_angle.angle_value 
_pdbx_validate_rmsd_angle.angle_target_value 
_pdbx_validate_rmsd_angle.angle_deviation 
_pdbx_validate_rmsd_angle.angle_standard_deviation 
_pdbx_validate_rmsd_angle.linker_flag 
1  1 C4    X G 4  ? ? C5    X G 4  ? ? N7    X G 4  ? ? 113.48 110.80 2.68  0.40 N 
2  1 C2    X G 8  ? ? N3    X G 8  ? ? C4    X G 8  ? ? 114.95 111.90 3.05  0.50 N 
3  1 C6    X A 9  ? ? N1    X A 9  ? ? C2    X A 9  ? ? 122.66 118.60 4.06  0.60 N 
4  1 N1    X A 9  ? ? C2    X A 9  ? ? N3    X A 9  ? ? 126.05 129.30 -3.25 0.50 N 
5  1 N1    X U 10 ? ? C2    X U 10 ? ? O2    X U 10 ? ? 117.53 122.80 -5.27 0.70 N 
6  1 N3    X U 10 ? ? C4    X U 10 ? ? O4    X U 10 ? ? 123.80 119.40 4.40  0.70 N 
7  1 "O4'" X G 11 ? ? "C1'" X G 11 ? ? N9    X G 11 ? ? 113.41 108.50 4.91  0.70 N 
8  1 C6    X G 11 ? ? N1    X G 11 ? ? C2    X G 11 ? ? 119.53 125.10 -5.57 0.60 N 
9  1 C5    X G 11 ? ? C6    X G 11 ? ? N1    X G 11 ? ? 114.63 111.50 3.13  0.50 N 
10 1 N1    X G 11 ? ? C6    X G 11 ? ? O6    X G 11 ? ? 115.66 119.90 -4.24 0.60 N 
11 1 "C3'" X A 12 ? ? "C2'" X A 12 ? ? "C1'" X A 12 ? ? 95.88  101.30 -5.42 0.70 N 
12 1 C5    X G 13 ? ? C6    X G 13 ? ? N1    X G 13 ? ? 114.60 111.50 3.10  0.50 N 
13 1 N1    X G 13 ? ? C6    X G 13 ? ? O6    X G 13 ? ? 115.85 119.90 -4.05 0.60 N 
14 1 N1    X G 14 ? ? C6    X G 14 ? ? O6    X G 14 ? ? 115.79 119.90 -4.11 0.60 N 
15 1 N1    X C 16 ? ? C2    X C 16 ? ? O2    X C 16 ? ? 113.52 118.90 -5.38 0.60 N 
16 1 N3    X C 16 ? ? C2    X C 16 ? ? O2    X C 16 ? ? 128.07 121.90 6.17  0.70 N 
# 
_pdbx_unobs_or_zero_occ_residues.id               1 
_pdbx_unobs_or_zero_occ_residues.PDB_model_num    1 
_pdbx_unobs_or_zero_occ_residues.polymer_flag     Y 
_pdbx_unobs_or_zero_occ_residues.occupancy_flag   1 
_pdbx_unobs_or_zero_occ_residues.auth_asym_id     X 
_pdbx_unobs_or_zero_occ_residues.auth_comp_id     G 
_pdbx_unobs_or_zero_occ_residues.auth_seq_id      1 
_pdbx_unobs_or_zero_occ_residues.PDB_ins_code     ? 
_pdbx_unobs_or_zero_occ_residues.label_asym_id    A 
_pdbx_unobs_or_zero_occ_residues.label_comp_id    G 
_pdbx_unobs_or_zero_occ_residues.label_seq_id     1 
# 
loop_
_chem_comp_atom.comp_id 
_chem_comp_atom.atom_id 
_chem_comp_atom.type_symbol 
_chem_comp_atom.pdbx_aromatic_flag 
_chem_comp_atom.pdbx_stereo_config 
_chem_comp_atom.pdbx_ordinal 
A   OP3    O N N 1   
A   P      P N N 2   
A   OP1    O N N 3   
A   OP2    O N N 4   
A   "O5'"  O N N 5   
A   "C5'"  C N N 6   
A   "C4'"  C N R 7   
A   "O4'"  O N N 8   
A   "C3'"  C N S 9   
A   "O3'"  O N N 10  
A   "C2'"  C N R 11  
A   "O2'"  O N N 12  
A   "C1'"  C N R 13  
A   N9     N Y N 14  
A   C8     C Y N 15  
A   N7     N Y N 16  
A   C5     C Y N 17  
A   C6     C Y N 18  
A   N6     N N N 19  
A   N1     N Y N 20  
A   C2     C Y N 21  
A   N3     N Y N 22  
A   C4     C Y N 23  
A   HOP3   H N N 24  
A   HOP2   H N N 25  
A   "H5'"  H N N 26  
A   "H5''" H N N 27  
A   "H4'"  H N N 28  
A   "H3'"  H N N 29  
A   "HO3'" H N N 30  
A   "H2'"  H N N 31  
A   "HO2'" H N N 32  
A   "H1'"  H N N 33  
A   H8     H N N 34  
A   H61    H N N 35  
A   H62    H N N 36  
A   H2     H N N 37  
C   OP3    O N N 38  
C   P      P N N 39  
C   OP1    O N N 40  
C   OP2    O N N 41  
C   "O5'"  O N N 42  
C   "C5'"  C N N 43  
C   "C4'"  C N R 44  
C   "O4'"  O N N 45  
C   "C3'"  C N S 46  
C   "O3'"  O N N 47  
C   "C2'"  C N R 48  
C   "O2'"  O N N 49  
C   "C1'"  C N R 50  
C   N1     N N N 51  
C   C2     C N N 52  
C   O2     O N N 53  
C   N3     N N N 54  
C   C4     C N N 55  
C   N4     N N N 56  
C   C5     C N N 57  
C   C6     C N N 58  
C   HOP3   H N N 59  
C   HOP2   H N N 60  
C   "H5'"  H N N 61  
C   "H5''" H N N 62  
C   "H4'"  H N N 63  
C   "H3'"  H N N 64  
C   "HO3'" H N N 65  
C   "H2'"  H N N 66  
C   "HO2'" H N N 67  
C   "H1'"  H N N 68  
C   H41    H N N 69  
C   H42    H N N 70  
C   H5     H N N 71  
C   H6     H N N 72  
G   OP3    O N N 73  
G   P      P N N 74  
G   OP1    O N N 75  
G   OP2    O N N 76  
G   "O5'"  O N N 77  
G   "C5'"  C N N 78  
G   "C4'"  C N R 79  
G   "O4'"  O N N 80  
G   "C3'"  C N S 81  
G   "O3'"  O N N 82  
G   "C2'"  C N R 83  
G   "O2'"  O N N 84  
G   "C1'"  C N R 85  
G   N9     N Y N 86  
G   C8     C Y N 87  
G   N7     N Y N 88  
G   C5     C Y N 89  
G   C6     C N N 90  
G   O6     O N N 91  
G   N1     N N N 92  
G   C2     C N N 93  
G   N2     N N N 94  
G   N3     N N N 95  
G   C4     C Y N 96  
G   HOP3   H N N 97  
G   HOP2   H N N 98  
G   "H5'"  H N N 99  
G   "H5''" H N N 100 
G   "H4'"  H N N 101 
G   "H3'"  H N N 102 
G   "HO3'" H N N 103 
G   "H2'"  H N N 104 
G   "HO2'" H N N 105 
G   "H1'"  H N N 106 
G   H8     H N N 107 
G   H1     H N N 108 
G   H21    H N N 109 
G   H22    H N N 110 
HOH O      O N N 111 
HOH H1     H N N 112 
HOH H2     H N N 113 
SO4 S      S N N 114 
SO4 O1     O N N 115 
SO4 O2     O N N 116 
SO4 O3     O N N 117 
SO4 O4     O N N 118 
U   OP3    O N N 119 
U   P      P N N 120 
U   OP1    O N N 121 
U   OP2    O N N 122 
U   "O5'"  O N N 123 
U   "C5'"  C N N 124 
U   "C4'"  C N R 125 
U   "O4'"  O N N 126 
U   "C3'"  C N S 127 
U   "O3'"  O N N 128 
U   "C2'"  C N R 129 
U   "O2'"  O N N 130 
U   "C1'"  C N R 131 
U   N1     N N N 132 
U   C2     C N N 133 
U   O2     O N N 134 
U   N3     N N N 135 
U   C4     C N N 136 
U   O4     O N N 137 
U   C5     C N N 138 
U   C6     C N N 139 
U   HOP3   H N N 140 
U   HOP2   H N N 141 
U   "H5'"  H N N 142 
U   "H5''" H N N 143 
U   "H4'"  H N N 144 
U   "H3'"  H N N 145 
U   "HO3'" H N N 146 
U   "H2'"  H N N 147 
U   "HO2'" H N N 148 
U   "H1'"  H N N 149 
U   H3     H N N 150 
U   H5     H N N 151 
U   H6     H N N 152 
# 
loop_
_chem_comp_bond.comp_id 
_chem_comp_bond.atom_id_1 
_chem_comp_bond.atom_id_2 
_chem_comp_bond.value_order 
_chem_comp_bond.pdbx_aromatic_flag 
_chem_comp_bond.pdbx_stereo_config 
_chem_comp_bond.pdbx_ordinal 
A   OP3   P      sing N N 1   
A   OP3   HOP3   sing N N 2   
A   P     OP1    doub N N 3   
A   P     OP2    sing N N 4   
A   P     "O5'"  sing N N 5   
A   OP2   HOP2   sing N N 6   
A   "O5'" "C5'"  sing N N 7   
A   "C5'" "C4'"  sing N N 8   
A   "C5'" "H5'"  sing N N 9   
A   "C5'" "H5''" sing N N 10  
A   "C4'" "O4'"  sing N N 11  
A   "C4'" "C3'"  sing N N 12  
A   "C4'" "H4'"  sing N N 13  
A   "O4'" "C1'"  sing N N 14  
A   "C3'" "O3'"  sing N N 15  
A   "C3'" "C2'"  sing N N 16  
A   "C3'" "H3'"  sing N N 17  
A   "O3'" "HO3'" sing N N 18  
A   "C2'" "O2'"  sing N N 19  
A   "C2'" "C1'"  sing N N 20  
A   "C2'" "H2'"  sing N N 21  
A   "O2'" "HO2'" sing N N 22  
A   "C1'" N9     sing N N 23  
A   "C1'" "H1'"  sing N N 24  
A   N9    C8     sing Y N 25  
A   N9    C4     sing Y N 26  
A   C8    N7     doub Y N 27  
A   C8    H8     sing N N 28  
A   N7    C5     sing Y N 29  
A   C5    C6     sing Y N 30  
A   C5    C4     doub Y N 31  
A   C6    N6     sing N N 32  
A   C6    N1     doub Y N 33  
A   N6    H61    sing N N 34  
A   N6    H62    sing N N 35  
A   N1    C2     sing Y N 36  
A   C2    N3     doub Y N 37  
A   C2    H2     sing N N 38  
A   N3    C4     sing Y N 39  
C   OP3   P      sing N N 40  
C   OP3   HOP3   sing N N 41  
C   P     OP1    doub N N 42  
C   P     OP2    sing N N 43  
C   P     "O5'"  sing N N 44  
C   OP2   HOP2   sing N N 45  
C   "O5'" "C5'"  sing N N 46  
C   "C5'" "C4'"  sing N N 47  
C   "C5'" "H5'"  sing N N 48  
C   "C5'" "H5''" sing N N 49  
C   "C4'" "O4'"  sing N N 50  
C   "C4'" "C3'"  sing N N 51  
C   "C4'" "H4'"  sing N N 52  
C   "O4'" "C1'"  sing N N 53  
C   "C3'" "O3'"  sing N N 54  
C   "C3'" "C2'"  sing N N 55  
C   "C3'" "H3'"  sing N N 56  
C   "O3'" "HO3'" sing N N 57  
C   "C2'" "O2'"  sing N N 58  
C   "C2'" "C1'"  sing N N 59  
C   "C2'" "H2'"  sing N N 60  
C   "O2'" "HO2'" sing N N 61  
C   "C1'" N1     sing N N 62  
C   "C1'" "H1'"  sing N N 63  
C   N1    C2     sing N N 64  
C   N1    C6     sing N N 65  
C   C2    O2     doub N N 66  
C   C2    N3     sing N N 67  
C   N3    C4     doub N N 68  
C   C4    N4     sing N N 69  
C   C4    C5     sing N N 70  
C   N4    H41    sing N N 71  
C   N4    H42    sing N N 72  
C   C5    C6     doub N N 73  
C   C5    H5     sing N N 74  
C   C6    H6     sing N N 75  
G   OP3   P      sing N N 76  
G   OP3   HOP3   sing N N 77  
G   P     OP1    doub N N 78  
G   P     OP2    sing N N 79  
G   P     "O5'"  sing N N 80  
G   OP2   HOP2   sing N N 81  
G   "O5'" "C5'"  sing N N 82  
G   "C5'" "C4'"  sing N N 83  
G   "C5'" "H5'"  sing N N 84  
G   "C5'" "H5''" sing N N 85  
G   "C4'" "O4'"  sing N N 86  
G   "C4'" "C3'"  sing N N 87  
G   "C4'" "H4'"  sing N N 88  
G   "O4'" "C1'"  sing N N 89  
G   "C3'" "O3'"  sing N N 90  
G   "C3'" "C2'"  sing N N 91  
G   "C3'" "H3'"  sing N N 92  
G   "O3'" "HO3'" sing N N 93  
G   "C2'" "O2'"  sing N N 94  
G   "C2'" "C1'"  sing N N 95  
G   "C2'" "H2'"  sing N N 96  
G   "O2'" "HO2'" sing N N 97  
G   "C1'" N9     sing N N 98  
G   "C1'" "H1'"  sing N N 99  
G   N9    C8     sing Y N 100 
G   N9    C4     sing Y N 101 
G   C8    N7     doub Y N 102 
G   C8    H8     sing N N 103 
G   N7    C5     sing Y N 104 
G   C5    C6     sing N N 105 
G   C5    C4     doub Y N 106 
G   C6    O6     doub N N 107 
G   C6    N1     sing N N 108 
G   N1    C2     sing N N 109 
G   N1    H1     sing N N 110 
G   C2    N2     sing N N 111 
G   C2    N3     doub N N 112 
G   N2    H21    sing N N 113 
G   N2    H22    sing N N 114 
G   N3    C4     sing N N 115 
HOH O     H1     sing N N 116 
HOH O     H2     sing N N 117 
SO4 S     O1     doub N N 118 
SO4 S     O2     doub N N 119 
SO4 S     O3     sing N N 120 
SO4 S     O4     sing N N 121 
U   OP3   P      sing N N 122 
U   OP3   HOP3   sing N N 123 
U   P     OP1    doub N N 124 
U   P     OP2    sing N N 125 
U   P     "O5'"  sing N N 126 
U   OP2   HOP2   sing N N 127 
U   "O5'" "C5'"  sing N N 128 
U   "C5'" "C4'"  sing N N 129 
U   "C5'" "H5'"  sing N N 130 
U   "C5'" "H5''" sing N N 131 
U   "C4'" "O4'"  sing N N 132 
U   "C4'" "C3'"  sing N N 133 
U   "C4'" "H4'"  sing N N 134 
U   "O4'" "C1'"  sing N N 135 
U   "C3'" "O3'"  sing N N 136 
U   "C3'" "C2'"  sing N N 137 
U   "C3'" "H3'"  sing N N 138 
U   "O3'" "HO3'" sing N N 139 
U   "C2'" "O2'"  sing N N 140 
U   "C2'" "C1'"  sing N N 141 
U   "C2'" "H2'"  sing N N 142 
U   "O2'" "HO2'" sing N N 143 
U   "C1'" N1     sing N N 144 
U   "C1'" "H1'"  sing N N 145 
U   N1    C2     sing N N 146 
U   N1    C6     sing N N 147 
U   C2    O2     doub N N 148 
U   C2    N3     sing N N 149 
U   N3    C4     sing N N 150 
U   N3    H3     sing N N 151 
U   C4    O4     doub N N 152 
U   C4    C5     sing N N 153 
U   C5    C6     doub N N 154 
U   C5    H5     sing N N 155 
U   C6    H6     sing N N 156 
# 
loop_
_ndb_struct_conf_na.entry_id 
_ndb_struct_conf_na.feature 
3CZW 'double helix'         
3CZW 'a-form double helix'  
3CZW 'mismatched base pair' 
# 
loop_
_ndb_struct_na_base_pair.model_number 
_ndb_struct_na_base_pair.i_label_asym_id 
_ndb_struct_na_base_pair.i_label_comp_id 
_ndb_struct_na_base_pair.i_label_seq_id 
_ndb_struct_na_base_pair.i_symmetry 
_ndb_struct_na_base_pair.j_label_asym_id 
_ndb_struct_na_base_pair.j_label_comp_id 
_ndb_struct_na_base_pair.j_label_seq_id 
_ndb_struct_na_base_pair.j_symmetry 
_ndb_struct_na_base_pair.shear 
_ndb_struct_na_base_pair.stretch 
_ndb_struct_na_base_pair.stagger 
_ndb_struct_na_base_pair.buckle 
_ndb_struct_na_base_pair.propeller 
_ndb_struct_na_base_pair.opening 
_ndb_struct_na_base_pair.pair_number 
_ndb_struct_na_base_pair.pair_name 
_ndb_struct_na_base_pair.i_auth_asym_id 
_ndb_struct_na_base_pair.i_auth_seq_id 
_ndb_struct_na_base_pair.i_PDB_ins_code 
_ndb_struct_na_base_pair.j_auth_asym_id 
_ndb_struct_na_base_pair.j_auth_seq_id 
_ndb_struct_na_base_pair.j_PDB_ins_code 
_ndb_struct_na_base_pair.hbond_type_28 
_ndb_struct_na_base_pair.hbond_type_12 
1 A G 3  1_555 A C 16 2_555 -0.439 -0.173 -0.153 -9.177  -0.385  2.100   1  X_G3:C16_X X 3  ? X 16 ? 19 1 
1 A G 4  1_555 A C 15 2_555 -0.315 -0.205 -0.086 -2.324  -7.107  -1.361  2  X_G4:C15_X X 4  ? X 15 ? 19 1 
1 A U 5  1_555 A G 14 2_555 2.391  -0.581 0.056  2.830   -13.881 -1.906  3  X_U5:G14_X X 5  ? X 14 ? 28 ? 
1 A C 6  1_555 A G 13 2_555 0.283  -0.120 -0.049 0.578   -11.423 0.460   4  X_C6:G13_X X 6  ? X 13 ? 19 1 
1 A U 7  1_555 A A 12 2_555 -0.141 -0.042 -0.030 2.598   -2.559  0.889   5  X_U7:A12_X X 7  ? X 12 ? 20 1 
1 A G 8  1_555 A G 11 2_555 -1.634 -3.586 -0.267 15.016  -0.098  88.210  6  X_G8:G11_X X 8  ? X 11 ? 6  ? 
1 A A 9  1_555 A U 10 2_555 0.147  -0.085 -0.088 -0.074  -9.880  -0.349  7  X_A9:U10_X X 9  ? X 10 ? 20 1 
1 A U 10 1_555 A A 9  2_555 -0.147 -0.085 -0.088 0.074   -9.880  -0.349  8  X_U10:A9_X X 10 ? X 9  ? 20 1 
1 A G 11 1_555 A G 8  2_555 1.634  3.586  0.267  -15.016 0.098   -88.210 9  X_G11:G8_X X 11 ? X 8  ? 6  ? 
1 A A 12 1_555 A U 7  2_555 0.141  -0.042 -0.030 -2.598  -2.559  0.889   10 X_A12:U7_X X 12 ? X 7  ? 20 1 
1 A G 13 1_555 A C 6  2_555 -0.283 -0.120 -0.049 -0.578  -11.423 0.460   11 X_G13:C6_X X 13 ? X 6  ? 19 1 
1 A G 14 1_555 A U 5  2_555 -2.391 -0.581 0.056  -2.830  -13.881 -1.906  12 X_G14:U5_X X 14 ? X 5  ? 28 ? 
1 A C 15 1_555 A G 4  2_555 0.315  -0.205 -0.086 2.324   -7.107  -1.361  13 X_C15:G4_X X 15 ? X 4  ? 19 1 
1 A C 16 1_555 A G 3  2_555 0.439  -0.173 -0.153 9.177   -0.385  2.100   14 X_C16:G3_X X 16 ? X 3  ? 19 1 
# 
loop_
_ndb_struct_na_base_pair_step.model_number 
_ndb_struct_na_base_pair_step.i_label_asym_id_1 
_ndb_struct_na_base_pair_step.i_label_comp_id_1 
_ndb_struct_na_base_pair_step.i_label_seq_id_1 
_ndb_struct_na_base_pair_step.i_symmetry_1 
_ndb_struct_na_base_pair_step.j_label_asym_id_1 
_ndb_struct_na_base_pair_step.j_label_comp_id_1 
_ndb_struct_na_base_pair_step.j_label_seq_id_1 
_ndb_struct_na_base_pair_step.j_symmetry_1 
_ndb_struct_na_base_pair_step.i_label_asym_id_2 
_ndb_struct_na_base_pair_step.i_label_comp_id_2 
_ndb_struct_na_base_pair_step.i_label_seq_id_2 
_ndb_struct_na_base_pair_step.i_symmetry_2 
_ndb_struct_na_base_pair_step.j_label_asym_id_2 
_ndb_struct_na_base_pair_step.j_label_comp_id_2 
_ndb_struct_na_base_pair_step.j_label_seq_id_2 
_ndb_struct_na_base_pair_step.j_symmetry_2 
_ndb_struct_na_base_pair_step.shift 
_ndb_struct_na_base_pair_step.slide 
_ndb_struct_na_base_pair_step.rise 
_ndb_struct_na_base_pair_step.tilt 
_ndb_struct_na_base_pair_step.roll 
_ndb_struct_na_base_pair_step.twist 
_ndb_struct_na_base_pair_step.x_displacement 
_ndb_struct_na_base_pair_step.y_displacement 
_ndb_struct_na_base_pair_step.helical_rise 
_ndb_struct_na_base_pair_step.inclination 
_ndb_struct_na_base_pair_step.tip 
_ndb_struct_na_base_pair_step.helical_twist 
_ndb_struct_na_base_pair_step.step_number 
_ndb_struct_na_base_pair_step.step_name 
_ndb_struct_na_base_pair_step.i_auth_asym_id_1 
_ndb_struct_na_base_pair_step.i_auth_seq_id_1 
_ndb_struct_na_base_pair_step.i_PDB_ins_code_1 
_ndb_struct_na_base_pair_step.j_auth_asym_id_1 
_ndb_struct_na_base_pair_step.j_auth_seq_id_1 
_ndb_struct_na_base_pair_step.j_PDB_ins_code_1 
_ndb_struct_na_base_pair_step.i_auth_asym_id_2 
_ndb_struct_na_base_pair_step.i_auth_seq_id_2 
_ndb_struct_na_base_pair_step.i_PDB_ins_code_2 
_ndb_struct_na_base_pair_step.j_auth_asym_id_2 
_ndb_struct_na_base_pair_step.j_auth_seq_id_2 
_ndb_struct_na_base_pair_step.j_PDB_ins_code_2 
1 A G 3  1_555 A C 16 2_555 A G 4  1_555 A C 15 2_555 -0.547 -2.216 3.229  -1.135  2.164    24.930   -5.726 0.938  3.051  4.997   
2.620   25.047   1  XX_G3G4:C15C16_XX X 3  ? X 16 ? X 4  ? X 15 ? 
1 A G 4  1_555 A C 15 2_555 A U 5  1_555 A G 14 2_555 -0.039 -1.573 3.175  -0.665  4.661    41.401   -2.677 -0.012 2.989  6.567   
0.937   41.656   2  XX_G4U5:G14C15_XX X 4  ? X 15 ? X 5  ? X 14 ? 
1 A U 5  1_555 A G 14 2_555 A C 6  1_555 A G 13 2_555 -0.175 -2.068 3.104  3.830   9.694    24.168   -6.702 1.237  2.081  21.895  
-8.650  26.289   3  XX_U5C6:G13G14_XX X 5  ? X 14 ? X 6  ? X 13 ? 
1 A C 6  1_555 A G 13 2_555 A U 7  1_555 A A 12 2_555 -0.060 -1.534 3.242  -1.057  8.458    27.995   -4.735 -0.094 2.674  16.992  
2.124   29.239   4  XX_C6U7:A12G13_XX X 6  ? X 13 ? X 7  ? X 12 ? 
1 A U 7  1_555 A A 12 2_555 A G 8  1_555 A G 11 2_555 0.208  3.282  -1.379 173.274 -30.979  -170.107 -1.652 0.046  -1.342 15.491  
86.644  -179.657 5  XX_U7G8:G11A12_XX X 7  ? X 12 ? X 8  ? X 11 ? 
1 A G 8  1_555 A G 11 2_555 A A 9  1_555 A U 10 2_555 -0.845 -3.355 -3.271 129.452 -110.929 88.020   -2.293 -0.292 -1.170 -56.407 
-65.826 173.156  6  XX_G8A9:U10G11_XX X 8  ? X 11 ? X 9  ? X 10 ? 
1 A A 9  1_555 A U 10 2_555 A U 10 1_555 A A 9  2_555 0.000  -1.896 3.282  0.000   3.145    30.048   -4.259 0.000  3.072  6.044   
0.000   30.209   7  XX_A9U10:A9U10_XX X 9  ? X 10 ? X 10 ? X 9  ? 
1 A U 10 1_555 A A 9  2_555 A G 11 1_555 A G 8  2_555 1.164  -3.424 3.098  6.848   6.615    81.187   -2.773 -0.730 2.935  5.067   
-5.245  81.648   8  XX_U10G11:G8A9_XX X 10 ? X 9  ? X 11 ? X 8  ? 
1 A G 11 1_555 A G 8  2_555 A A 12 1_555 A U 7  2_555 -1.342 0.491  3.268  0.343   3.964    -20.273  -3.080 -3.594 3.137  -11.124 
0.963   -20.656  9  XX_G11A12:U7G8_XX X 11 ? X 8  ? X 12 ? X 7  ? 
1 A A 12 1_555 A U 7  2_555 A G 13 1_555 A C 6  2_555 0.060  -1.534 3.242  1.057   8.458    27.995   -4.735 0.094  2.674  16.992  
-2.124  29.239   10 XX_A12G13:C6U7_XX X 12 ? X 7  ? X 13 ? X 6  ? 
1 A G 13 1_555 A C 6  2_555 A G 14 1_555 A U 5  2_555 0.175  -2.068 3.104  -3.830  9.694    24.168   -6.702 -1.237 2.081  21.895  
8.650   26.289   11 XX_G13G14:U5C6_XX X 13 ? X 6  ? X 14 ? X 5  ? 
1 A G 14 1_555 A U 5  2_555 A C 15 1_555 A G 4  2_555 0.039  -1.573 3.175  0.665   4.661    41.401   -2.677 0.012  2.989  6.567   
-0.937  41.656   12 XX_G14C15:G4U5_XX X 14 ? X 5  ? X 15 ? X 4  ? 
1 A C 15 1_555 A G 4  2_555 A C 16 1_555 A G 3  2_555 0.547  -2.216 3.229  1.135   2.164    24.930   -5.726 -0.938 3.051  4.998   
-2.620  25.047   13 XX_C15C16:G3G4_XX X 15 ? X 4  ? X 16 ? X 3  ? 
# 
_pdbx_initial_refinement_model.accession_code   1JJ2 
_pdbx_initial_refinement_model.id               1 
_pdbx_initial_refinement_model.entity_id_list   ? 
_pdbx_initial_refinement_model.type             'experimental model' 
_pdbx_initial_refinement_model.source_name      PDB 
_pdbx_initial_refinement_model.details          'a short duplex GUCU:CGGA taken from NDB: RR0033' 
# 
_atom_sites.entry_id                    3CZW 
_atom_sites.fract_transf_matrix[1][1]   0.01101026 
_atom_sites.fract_transf_matrix[1][2]   0.00697988 
_atom_sites.fract_transf_matrix[1][3]   0.02128140 
_atom_sites.fract_transf_matrix[2][1]   0.01173523 
_atom_sites.fract_transf_matrix[2][2]   0.02531121 
_atom_sites.fract_transf_matrix[2][3]   -0.01437298 
_atom_sites.fract_transf_matrix[3][1]   -0.00966038 
_atom_sites.fract_transf_matrix[3][2]   0.01995524 
_atom_sites.fract_transf_matrix[3][3]   0.02725423 
_atom_sites.fract_transf_vector[1]      -0.042640 
_atom_sites.fract_transf_vector[2]      -0.285802 
_atom_sites.fract_transf_vector[3]      0.016325 
# 
loop_
_atom_type.symbol 
C 
N 
O 
P 
S 
# 
loop_
_atom_site.group_PDB 
_atom_site.id 
_atom_site.type_symbol 
_atom_site.label_atom_id 
_atom_site.label_alt_id 
_atom_site.label_comp_id 
_atom_site.label_asym_id 
_atom_site.label_entity_id 
_atom_site.label_seq_id 
_atom_site.pdbx_PDB_ins_code 
_atom_site.Cartn_x 
_atom_site.Cartn_y 
_atom_site.Cartn_z 
_atom_site.occupancy 
_atom_site.B_iso_or_equiv 
_atom_site.pdbx_formal_charge 
_atom_site.auth_seq_id 
_atom_site.auth_comp_id 
_atom_site.auth_asym_id 
_atom_site.auth_atom_id 
_atom_site.pdbx_PDB_model_num 
ATOM   1   O "O3'" . U   A 1 2  ? 12.792  -10.452 -9.422  1.00 65.41 ? 2   U   X "O3'" 1 
ATOM   2   P P     . G   A 1 3  ? 14.097  -10.547 -8.439  1.00 65.39 ? 3   G   X P     1 
ATOM   3   O OP1   . G   A 1 3  ? 14.066  -9.362  -7.510  1.00 65.46 ? 3   G   X OP1   1 
ATOM   4   O OP2   . G   A 1 3  ? 15.296  -10.758 -9.313  1.00 66.42 ? 3   G   X OP2   1 
ATOM   5   O "O5'" . G   A 1 3  ? 13.881  -11.852 -7.531  1.00 53.75 ? 3   G   X "O5'" 1 
ATOM   6   C "C5'" . G   A 1 3  ? 13.306  -13.033 -7.976  1.00 44.68 ? 3   G   X "C5'" 1 
ATOM   7   C "C4'" . G   A 1 3  ? 13.319  -14.028 -6.832  1.00 38.44 ? 3   G   X "C4'" 1 
ATOM   8   O "O4'" . G   A 1 3  ? 14.686  -14.309 -6.393  1.00 35.93 ? 3   G   X "O4'" 1 
ATOM   9   C "C3'" . G   A 1 3  ? 12.703  -13.473 -5.571  1.00 36.13 ? 3   G   X "C3'" 1 
ATOM   10  O "O3'" . G   A 1 3  ? 11.263  -13.458 -5.674  1.00 35.11 ? 3   G   X "O3'" 1 
ATOM   11  C "C2'" . G   A 1 3  ? 13.286  -14.503 -4.586  1.00 33.68 ? 3   G   X "C2'" 1 
ATOM   12  O "O2'" . G   A 1 3  ? 12.690  -15.802 -4.617  1.00 35.14 ? 3   G   X "O2'" 1 
ATOM   13  C "C1'" . G   A 1 3  ? 14.747  -14.488 -4.996  1.00 30.16 ? 3   G   X "C1'" 1 
ATOM   14  N N9    . G   A 1 3  ? 15.527  -13.359 -4.448  1.00 27.79 ? 3   G   X N9    1 
ATOM   15  C C8    . G   A 1 3  ? 16.032  -12.252 -5.068  1.00 25.92 ? 3   G   X C8    1 
ATOM   16  N N7    . G   A 1 3  ? 16.672  -11.424 -4.280  1.00 29.26 ? 3   G   X N7    1 
ATOM   17  C C5    . G   A 1 3  ? 16.592  -12.039 -3.016  1.00 26.42 ? 3   G   X C5    1 
ATOM   18  C C6    . G   A 1 3  ? 17.098  -11.664 -1.717  1.00 26.38 ? 3   G   X C6    1 
ATOM   19  O O6    . G   A 1 3  ? 17.750  -10.648 -1.430  1.00 28.13 ? 3   G   X O6    1 
ATOM   20  N N1    . G   A 1 3  ? 16.788  -12.600 -0.760  1.00 26.00 ? 3   G   X N1    1 
ATOM   21  C C2    . G   A 1 3  ? 16.083  -13.742 -0.947  1.00 25.34 ? 3   G   X C2    1 
ATOM   22  N N2    . G   A 1 3  ? 15.856  -14.559 0.071   1.00 26.17 ? 3   G   X N2    1 
ATOM   23  N N3    . G   A 1 3  ? 15.605  -14.104 -2.163  1.00 25.63 ? 3   G   X N3    1 
ATOM   24  C C4    . G   A 1 3  ? 15.886  -13.201 -3.101  1.00 25.12 ? 3   G   X C4    1 
ATOM   25  P P     . G   A 1 4  ? 10.390  -12.451 -4.730  1.00 33.80 ? 4   G   X P     1 
ATOM   26  O OP1   . G   A 1 4  ? 8.974   -12.721 -5.121  1.00 37.55 ? 4   G   X OP1   1 
ATOM   27  O OP2   . G   A 1 4  ? 10.975  -11.113 -4.885  1.00 31.64 ? 4   G   X OP2   1 
ATOM   28  O "O5'" . G   A 1 4  ? 10.566  -13.078 -3.287  1.00 29.67 ? 4   G   X "O5'" 1 
ATOM   29  C "C5'" . G   A 1 4  ? 10.093  -14.383 -3.006  1.00 29.34 ? 4   G   X "C5'" 1 
ATOM   30  C "C4'" . G   A 1 4  ? 10.492  -14.831 -1.636  1.00 28.56 ? 4   G   X "C4'" 1 
ATOM   31  O "O4'" . G   A 1 4  ? 11.913  -14.540 -1.541  1.00 30.12 ? 4   G   X "O4'" 1 
ATOM   32  C "C3'" . G   A 1 4  ? 9.936   -13.885 -0.591  1.00 28.67 ? 4   G   X "C3'" 1 
ATOM   33  O "O3'" . G   A 1 4  ? 8.663   -14.271 -0.223  1.00 29.16 ? 4   G   X "O3'" 1 
ATOM   34  C "C2'" . G   A 1 4  ? 10.890  -14.217 0.531   1.00 27.43 ? 4   G   X "C2'" 1 
ATOM   35  O "O2'" . G   A 1 4  ? 10.635  -15.518 1.007   1.00 30.32 ? 4   G   X "O2'" 1 
ATOM   36  C "C1'" . G   A 1 4  ? 12.228  -14.207 -0.188  1.00 25.34 ? 4   G   X "C1'" 1 
ATOM   37  N N9    . G   A 1 4  ? 12.920  -12.940 -0.213  1.00 23.80 ? 4   G   X N9    1 
ATOM   38  C C8    . G   A 1 4  ? 13.080  -12.030 -1.243  1.00 21.03 ? 4   G   X C8    1 
ATOM   39  N N7    . G   A 1 4  ? 13.772  -10.981 -0.907  1.00 23.01 ? 4   G   X N7    1 
ATOM   40  C C5    . G   A 1 4  ? 14.053  -11.223 0.455   1.00 21.32 ? 4   G   X C5    1 
ATOM   41  C C6    . G   A 1 4  ? 14.748  -10.419 1.387   1.00 19.61 ? 4   G   X C6    1 
ATOM   42  O O6    . G   A 1 4  ? 15.284  -9.366  1.160   1.00 21.19 ? 4   G   X O6    1 
ATOM   43  N N1    . G   A 1 4  ? 14.824  -11.005 2.617   1.00 19.66 ? 4   G   X N1    1 
ATOM   44  C C2    . G   A 1 4  ? 14.256  -12.171 2.977   1.00 20.70 ? 4   G   X C2    1 
ATOM   45  N N2    . G   A 1 4  ? 14.402  -12.574 4.225   1.00 22.48 ? 4   G   X N2    1 
ATOM   46  N N3    . G   A 1 4  ? 13.584  -12.960 2.146   1.00 22.84 ? 4   G   X N3    1 
ATOM   47  C C4    . G   A 1 4  ? 13.541  -12.386 0.912   1.00 21.99 ? 4   G   X C4    1 
ATOM   48  P P     . U   A 1 5  ? 7.592   -13.126 0.147   1.00 30.18 ? 5   U   X P     1 
ATOM   49  O OP1   . U   A 1 5  ? 6.289   -13.804 0.233   1.00 35.12 ? 5   U   X OP1   1 
ATOM   50  O OP2   . U   A 1 5  ? 7.761   -11.896 -0.628  1.00 26.68 ? 5   U   X OP2   1 
ATOM   51  O "O5'" . U   A 1 5  ? 8.036   -12.783 1.666   1.00 25.96 ? 5   U   X "O5'" 1 
ATOM   52  C "C5'" . U   A 1 5  ? 8.040   -13.716 2.663   1.00 24.46 ? 5   U   X "C5'" 1 
ATOM   53  C "C4'" . U   A 1 5  ? 8.808   -13.151 3.847   1.00 26.74 ? 5   U   X "C4'" 1 
ATOM   54  O "O4'" . U   A 1 5  ? 10.205  -12.930 3.524   1.00 24.91 ? 5   U   X "O4'" 1 
ATOM   55  C "C3'" . U   A 1 5  ? 8.353   -11.774 4.337   1.00 24.40 ? 5   U   X "C3'" 1 
ATOM   56  O "O3'" . U   A 1 5  ? 7.242   -11.938 5.098   1.00 23.93 ? 5   U   X "O3'" 1 
ATOM   57  C "C2'" . U   A 1 5  ? 9.568   -11.311 5.143   1.00 22.40 ? 5   U   X "C2'" 1 
ATOM   58  O "O2'" . U   A 1 5  ? 9.755   -12.022 6.323   1.00 24.25 ? 5   U   X "O2'" 1 
ATOM   59  C "C1'" . U   A 1 5  ? 10.685  -11.762 4.204   1.00 22.77 ? 5   U   X "C1'" 1 
ATOM   60  N N1    . U   A 1 5  ? 11.086  -10.686 3.214   1.00 21.40 ? 5   U   X N1    1 
ATOM   61  C C2    . U   A 1 5  ? 11.923  -9.717  3.694   1.00 21.87 ? 5   U   X C2    1 
ATOM   62  O O2    . U   A 1 5  ? 12.279  -9.737  4.858   1.00 19.79 ? 5   U   X O2    1 
ATOM   63  N N3    . U   A 1 5  ? 12.287  -8.741  2.814   1.00 20.21 ? 5   U   X N3    1 
ATOM   64  C C4    . U   A 1 5  ? 11.849  -8.658  1.485   1.00 21.19 ? 5   U   X C4    1 
ATOM   65  O O4    . U   A 1 5  ? 12.272  -7.736  0.814   1.00 21.77 ? 5   U   X O4    1 
ATOM   66  C C5    . U   A 1 5  ? 10.976  -9.719  1.020   1.00 21.79 ? 5   U   X C5    1 
ATOM   67  C C6    . U   A 1 5  ? 10.620  -10.681 1.880   1.00 19.88 ? 5   U   X C6    1 
ATOM   68  P P     . C   A 1 6  ? 6.200   -10.793 5.276   1.00 26.44 ? 6   C   X P     1 
ATOM   69  O OP1   . C   A 1 6  ? 5.020   -11.458 5.848   1.00 27.53 ? 6   C   X OP1   1 
ATOM   70  O OP2   . C   A 1 6  ? 6.111   -10.010 4.009   1.00 28.67 ? 6   C   X OP2   1 
ATOM   71  O "O5'" . C   A 1 6  ? 6.804   -9.801  6.372   1.00 25.35 ? 6   C   X "O5'" 1 
ATOM   72  C "C5'" . C   A 1 6  ? 6.943   -10.239 7.680   1.00 25.25 ? 6   C   X "C5'" 1 
ATOM   73  C "C4'" . C   A 1 6  ? 7.761   -9.227  8.437   1.00 25.31 ? 6   C   X "C4'" 1 
ATOM   74  O "O4'" . C   A 1 6  ? 9.083   -9.117  7.843   1.00 22.99 ? 6   C   X "O4'" 1 
ATOM   75  C "C3'" . C   A 1 6  ? 7.259   -7.819  8.378   1.00 24.53 ? 6   C   X "C3'" 1 
ATOM   76  O "O3'" . C   A 1 6  ? 6.198   -7.649  9.287   1.00 26.28 ? 6   C   X "O3'" 1 
ATOM   77  C "C2'" . C   A 1 6  ? 8.504   -7.080  8.846   1.00 22.02 ? 6   C   X "C2'" 1 
ATOM   78  O "O2'" . C   A 1 6  ? 8.758   -7.373  10.193  1.00 22.88 ? 6   C   X "O2'" 1 
ATOM   79  C "C1'" . C   A 1 6  ? 9.534   -7.809  8.007   1.00 22.41 ? 6   C   X "C1'" 1 
ATOM   80  N N1    . C   A 1 6  ? 9.789   -7.230  6.630   1.00 21.22 ? 6   C   X N1    1 
ATOM   81  C C2    . C   A 1 6  ? 10.695  -6.158  6.531   1.00 22.43 ? 6   C   X C2    1 
ATOM   82  O O2    . C   A 1 6  ? 11.202  -5.641  7.589   1.00 22.14 ? 6   C   X O2    1 
ATOM   83  N N3    . C   A 1 6  ? 10.942  -5.652  5.301   1.00 20.23 ? 6   C   X N3    1 
ATOM   84  C C4    . C   A 1 6  ? 10.418  -6.166  4.195   1.00 19.63 ? 6   C   X C4    1 
ATOM   85  N N4    . C   A 1 6  ? 10.778  -5.601  3.075   1.00 21.21 ? 6   C   X N4    1 
ATOM   86  C C5    . C   A 1 6  ? 9.496   -7.235  4.264   1.00 20.67 ? 6   C   X C5    1 
ATOM   87  C C6    . C   A 1 6  ? 9.228   -7.753  5.479   1.00 21.63 ? 6   C   X C6    1 
ATOM   88  P P     . U   A 1 7  ? 5.153   -6.437  9.017   1.00 27.48 ? 7   U   X P     1 
ATOM   89  O OP1   . U   A 1 7  ? 4.141   -6.624  10.089  1.00 30.02 ? 7   U   X OP1   1 
ATOM   90  O OP2   . U   A 1 7  ? 4.739   -6.435  7.594   1.00 28.69 ? 7   U   X OP2   1 
ATOM   91  O "O5'" . U   A 1 7  ? 5.960   -5.111  9.236   1.00 25.96 ? 7   U   X "O5'" 1 
ATOM   92  C "C5'" . U   A 1 7  ? 6.423   -4.811  10.542  1.00 25.86 ? 7   U   X "C5'" 1 
ATOM   93  C "C4'" . U   A 1 7  ? 7.235   -3.563  10.521  1.00 27.45 ? 7   U   X "C4'" 1 
ATOM   94  O "O4'" . U   A 1 7  ? 8.416   -3.729  9.679   1.00 25.05 ? 7   U   X "O4'" 1 
ATOM   95  C "C3'" . U   A 1 7  ? 6.475   -2.422  9.864   1.00 28.74 ? 7   U   X "C3'" 1 
ATOM   96  O "O3'" . U   A 1 7  ? 5.546   -1.904  10.829  1.00 30.84 ? 7   U   X "O3'" 1 
ATOM   97  C "C2'" . U   A 1 7  ? 7.644   -1.481  9.584   1.00 26.57 ? 7   U   X "C2'" 1 
ATOM   98  O "O2'" . U   A 1 7  ? 8.161   -0.920  10.772  1.00 30.72 ? 7   U   X "O2'" 1 
ATOM   99  C "C1'" . U   A 1 7  ? 8.673   -2.455  9.098   1.00 25.00 ? 7   U   X "C1'" 1 
ATOM   100 N N1    . U   A 1 7  ? 8.660   -2.689  7.636   1.00 23.44 ? 7   U   X N1    1 
ATOM   101 C C2    . U   A 1 7  ? 9.412   -1.790  6.908   1.00 25.17 ? 7   U   X C2    1 
ATOM   102 O O2    . U   A 1 7  ? 9.990   -0.863  7.411   1.00 24.79 ? 7   U   X O2    1 
ATOM   103 N N3    . U   A 1 7  ? 9.469   -2.000  5.559   1.00 21.98 ? 7   U   X N3    1 
ATOM   104 C C4    . U   A 1 7  ? 8.846   -3.041  4.932   1.00 25.88 ? 7   U   X C4    1 
ATOM   105 O O4    . U   A 1 7  ? 8.975   -3.092  3.714   1.00 25.03 ? 7   U   X O4    1 
ATOM   106 C C5    . U   A 1 7  ? 8.035   -3.939  5.744   1.00 23.78 ? 7   U   X C5    1 
ATOM   107 C C6    . U   A 1 7  ? 7.978   -3.746  7.064   1.00 24.16 ? 7   U   X C6    1 
ATOM   108 P P     . G   A 1 8  ? 4.331   -1.036  10.246  1.00 32.08 ? 8   G   X P     1 
ATOM   109 O OP1   . G   A 1 8  ? 3.341   -0.874  11.328  1.00 35.91 ? 8   G   X OP1   1 
ATOM   110 O OP2   . G   A 1 8  ? 3.890   -1.492  8.894   1.00 31.26 ? 8   G   X OP2   1 
ATOM   111 O "O5'" . G   A 1 8  ? 5.167   0.295   10.219  1.00 31.55 ? 8   G   X "O5'" 1 
ATOM   112 C "C5'" . G   A 1 8  ? 4.902   1.328   9.288   1.00 31.07 ? 8   G   X "C5'" 1 
ATOM   113 C "C4'" . G   A 1 8  ? 6.024   2.361   9.338   1.00 28.40 ? 8   G   X "C4'" 1 
ATOM   114 O "O4'" . G   A 1 8  ? 7.315   1.795   8.985   1.00 28.19 ? 8   G   X "O4'" 1 
ATOM   115 C "C3'" . G   A 1 8  ? 5.814   3.419   8.291   1.00 27.97 ? 8   G   X "C3'" 1 
ATOM   116 O "O3'" . G   A 1 8  ? 4.908   4.427   8.804   1.00 27.54 ? 8   G   X "O3'" 1 
ATOM   117 C "C2'" . G   A 1 8  ? 7.212   3.936   8.137   1.00 28.35 ? 8   G   X "C2'" 1 
ATOM   118 O "O2'" . G   A 1 8  ? 7.445   4.683   9.291   1.00 29.24 ? 8   G   X "O2'" 1 
ATOM   119 C "C1'" . G   A 1 8  ? 7.999   2.645   8.122   1.00 25.09 ? 8   G   X "C1'" 1 
ATOM   120 N N9    . G   A 1 8  ? 7.984   2.088   6.747   1.00 23.76 ? 8   G   X N9    1 
ATOM   121 C C8    . G   A 1 8  ? 8.732   2.670   5.766   1.00 23.19 ? 8   G   X C8    1 
ATOM   122 N N7    . G   A 1 8  ? 8.609   2.084   4.582   1.00 21.85 ? 8   G   X N7    1 
ATOM   123 C C5    . G   A 1 8  ? 7.721   1.056   4.847   1.00 20.47 ? 8   G   X C5    1 
ATOM   124 C C6    . G   A 1 8  ? 7.215   0.107   3.957   1.00 24.35 ? 8   G   X C6    1 
ATOM   125 O O6    . G   A 1 8  ? 7.474   0.025   2.737   1.00 23.34 ? 8   G   X O6    1 
ATOM   126 N N1    . G   A 1 8  ? 6.317   -0.773  4.547   1.00 23.44 ? 8   G   X N1    1 
ATOM   127 C C2    . G   A 1 8  ? 5.964   -0.728  5.877   1.00 25.17 ? 8   G   X C2    1 
ATOM   128 N N2    . G   A 1 8  ? 5.078   -1.675  6.335   1.00 24.17 ? 8   G   X N2    1 
ATOM   129 N N3    . G   A 1 8  ? 6.432   0.199   6.701   1.00 24.32 ? 8   G   X N3    1 
ATOM   130 C C4    . G   A 1 8  ? 7.312   1.048   6.156   1.00 24.35 ? 8   G   X C4    1 
ATOM   131 P P     . A   A 1 9  ? 3.878   5.114   7.812   1.00 26.09 ? 9   A   X P     1 
ATOM   132 O OP1   . A   A 1 9  ? 3.154   6.066   8.715   1.00 30.69 ? 9   A   X OP1   1 
ATOM   133 O OP2   . A   A 1 9  ? 3.171   4.176   6.929   1.00 28.13 ? 9   A   X OP2   1 
ATOM   134 O "O5'" . A   A 1 9  ? 4.853   5.999   6.909   1.00 24.48 ? 9   A   X "O5'" 1 
ATOM   135 C "C5'" . A   A 1 9  ? 5.735   7.031   7.348   1.00 23.75 ? 9   A   X "C5'" 1 
ATOM   136 C "C4'" . A   A 1 9  ? 6.402   7.615   6.135   1.00 23.54 ? 9   A   X "C4'" 1 
ATOM   137 O "O4'" . A   A 1 9  ? 7.236   6.566   5.517   1.00 21.15 ? 9   A   X "O4'" 1 
ATOM   138 C "C3'" . A   A 1 9  ? 5.471   7.989   4.998   1.00 22.47 ? 9   A   X "C3'" 1 
ATOM   139 O "O3'" . A   A 1 9  ? 4.892   9.250   5.251   1.00 20.92 ? 9   A   X "O3'" 1 
ATOM   140 C "C2'" . A   A 1 9  ? 6.464   8.111   3.866   1.00 21.73 ? 9   A   X "C2'" 1 
ATOM   141 O "O2'" . A   A 1 9  ? 7.361   9.206   3.995   1.00 21.43 ? 9   A   X "O2'" 1 
ATOM   142 C "C1'" . A   A 1 9  ? 7.244   6.806   4.112   1.00 21.64 ? 9   A   X "C1'" 1 
ATOM   143 N N9    . A   A 1 9  ? 6.669   5.600   3.529   1.00 19.22 ? 9   A   X N9    1 
ATOM   144 C C8    . A   A 1 9  ? 6.024   4.596   4.168   1.00 19.82 ? 9   A   X C8    1 
ATOM   145 N N7    . A   A 1 9  ? 5.661   3.604   3.372   1.00 20.79 ? 9   A   X N7    1 
ATOM   146 C C5    . A   A 1 9  ? 6.072   4.005   2.126   1.00 17.86 ? 9   A   X C5    1 
ATOM   147 C C6    . A   A 1 9  ? 6.038   3.389   0.837   1.00 18.03 ? 9   A   X C6    1 
ATOM   148 N N6    . A   A 1 9  ? 5.447   2.240   0.598   1.00 20.88 ? 9   A   X N6    1 
ATOM   149 N N1    . A   A 1 9  ? 6.527   4.116   -0.165  1.00 18.65 ? 9   A   X N1    1 
ATOM   150 C C2    . A   A 1 9  ? 7.127   5.281   0.025   1.00 19.72 ? 9   A   X C2    1 
ATOM   151 N N3    . A   A 1 9  ? 7.261   5.934   1.223   1.00 20.11 ? 9   A   X N3    1 
ATOM   152 C C4    . A   A 1 9  ? 6.708   5.215   2.192   1.00 19.92 ? 9   A   X C4    1 
ATOM   153 P P     . U   A 1 10 ? 3.481   9.583   4.624   1.00 23.00 ? 10  U   X P     1 
ATOM   154 O OP1   . U   A 1 10 ? 3.094   10.880  5.229   1.00 24.58 ? 10  U   X OP1   1 
ATOM   155 O OP2   . U   A 1 10 ? 2.544   8.470   4.749   1.00 23.76 ? 10  U   X OP2   1 
ATOM   156 O "O5'" . U   A 1 10 ? 3.807   9.755   3.073   1.00 20.52 ? 10  U   X "O5'" 1 
ATOM   157 C "C5'" . U   A 1 10 ? 4.649   10.778  2.587   1.00 17.61 ? 10  U   X "C5'" 1 
ATOM   158 C "C4'" . U   A 1 10 ? 4.745   10.633  1.078   1.00 21.39 ? 10  U   X "C4'" 1 
ATOM   159 O "O4'" . U   A 1 10 ? 5.444   9.400   0.784   1.00 21.01 ? 10  U   X "O4'" 1 
ATOM   160 C "C3'" . U   A 1 10 ? 3.422   10.495  0.358   1.00 21.10 ? 10  U   X "C3'" 1 
ATOM   161 O "O3'" . U   A 1 10 ? 2.804   11.740  0.154   1.00 23.86 ? 10  U   X "O3'" 1 
ATOM   162 C "C2'" . U   A 1 10 ? 3.946   9.927   -0.961  1.00 18.94 ? 10  U   X "C2'" 1 
ATOM   163 O "O2'" . U   A 1 10 ? 4.663   10.928  -1.598  1.00 22.36 ? 10  U   X "O2'" 1 
ATOM   164 C "C1'" . U   A 1 10 ? 4.967   8.914   -0.485  1.00 19.04 ? 10  U   X "C1'" 1 
ATOM   165 N N1    . U   A 1 10 ? 4.342   7.617   -0.256  1.00 18.49 ? 10  U   X N1    1 
ATOM   166 C C2    . U   A 1 10 ? 4.188   6.758   -1.385  1.00 19.89 ? 10  U   X C2    1 
ATOM   167 O O2    . U   A 1 10 ? 4.559   7.175   -2.460  1.00 22.31 ? 10  U   X O2    1 
ATOM   168 N N3    . U   A 1 10 ? 3.603   5.541   -1.168  1.00 19.58 ? 10  U   X N3    1 
ATOM   169 C C4    . U   A 1 10 ? 3.181   5.018   0.031   1.00 19.46 ? 10  U   X C4    1 
ATOM   170 O O4    . U   A 1 10 ? 2.669   3.904   0.151   1.00 21.23 ? 10  U   X O4    1 
ATOM   171 C C5    . U   A 1 10 ? 3.336   5.951   1.166   1.00 20.45 ? 10  U   X C5    1 
ATOM   172 C C6    . U   A 1 10 ? 3.905   7.150   0.980   1.00 21.38 ? 10  U   X C6    1 
ATOM   173 P P     . G   A 1 11 ? 1.200   11.839  0.201   1.00 23.98 ? 11  G   X P     1 
ATOM   174 O OP1   . G   A 1 11 ? 0.826   13.247  0.031   1.00 28.67 ? 11  G   X OP1   1 
ATOM   175 O OP2   . G   A 1 11 ? 0.677   10.914  1.201   1.00 21.97 ? 11  G   X OP2   1 
ATOM   176 O "O5'" . G   A 1 11 ? 0.826   11.099  -1.250  1.00 21.33 ? 11  G   X "O5'" 1 
ATOM   177 C "C5'" . G   A 1 11 ? 1.074   11.801  -2.392  1.00 21.86 ? 11  G   X "C5'" 1 
ATOM   178 C "C4'" . G   A 1 11 ? 0.967   10.830  -3.569  1.00 21.90 ? 11  G   X "C4'" 1 
ATOM   179 O "O4'" . G   A 1 11 ? 1.866   9.724   -3.370  1.00 23.45 ? 11  G   X "O4'" 1 
ATOM   180 C "C3'" . G   A 1 11 ? -0.378  10.169  -3.761  1.00 20.81 ? 11  G   X "C3'" 1 
ATOM   181 O "O3'" . G   A 1 11 ? -1.258  11.056  -4.439  1.00 22.42 ? 11  G   X "O3'" 1 
ATOM   182 C "C2'" . G   A 1 11 ? 0.039   9.013   -4.657  1.00 21.96 ? 11  G   X "C2'" 1 
ATOM   183 O "O2'" . G   A 1 11 ? 0.426   9.395   -5.959  1.00 23.29 ? 11  G   X "O2'" 1 
ATOM   184 C "C1'" . G   A 1 11 ? 1.281   8.534   -3.894  1.00 20.09 ? 11  G   X "C1'" 1 
ATOM   185 N N9    . G   A 1 11 ? 0.904   7.578   -2.869  1.00 19.77 ? 11  G   X N9    1 
ATOM   186 C C8    . G   A 1 11 ? 0.840   7.842   -1.495  1.00 17.84 ? 11  G   X C8    1 
ATOM   187 N N7    . G   A 1 11 ? 0.431   6.779   -0.843  1.00 20.51 ? 11  G   X N7    1 
ATOM   188 C C5    . G   A 1 11 ? 0.236   5.788   -1.861  1.00 19.10 ? 11  G   X C5    1 
ATOM   189 C C6    . G   A 1 11 ? -0.220  4.489   -1.756  1.00 18.52 ? 11  G   X C6    1 
ATOM   190 O O6    . G   A 1 11 ? -0.522  3.841   -0.757  1.00 21.93 ? 11  G   X O6    1 
ATOM   191 N N1    . G   A 1 11 ? -0.355  3.801   -3.008  1.00 19.67 ? 11  G   X N1    1 
ATOM   192 C C2    . G   A 1 11 ? -0.051  4.447   -4.166  1.00 18.81 ? 11  G   X C2    1 
ATOM   193 N N2    . G   A 1 11 ? -0.226  3.661   -5.275  1.00 18.66 ? 11  G   X N2    1 
ATOM   194 N N3    . G   A 1 11 ? 0.408   5.671   -4.289  1.00 18.83 ? 11  G   X N3    1 
ATOM   195 C C4    . G   A 1 11 ? 0.487   6.310   -3.066  1.00 18.11 ? 11  G   X C4    1 
ATOM   196 P P     . A   A 1 12 ? -2.816  10.849  -4.378  1.00 22.52 ? 12  A   X P     1 
ATOM   197 O OP1   . A   A 1 12 ? -3.412  12.083  -4.957  1.00 24.23 ? 12  A   X OP1   1 
ATOM   198 O OP2   . A   A 1 12 ? -3.204  10.345  -3.052  1.00 24.31 ? 12  A   X OP2   1 
ATOM   199 O "O5'" . A   A 1 12 ? -3.053  9.644   -5.444  1.00 19.96 ? 12  A   X "O5'" 1 
ATOM   200 C "C5'" . A   A 1 12 ? -2.903  9.913   -6.764  1.00 21.90 ? 12  A   X "C5'" 1 
ATOM   201 C "C4'" . A   A 1 12 ? -3.177  8.617   -7.470  1.00 18.63 ? 12  A   X "C4'" 1 
ATOM   202 O "O4'" . A   A 1 12 ? -2.317  7.539   -7.067  1.00 21.55 ? 12  A   X "O4'" 1 
ATOM   203 C "C3'" . A   A 1 12 ? -4.545  7.986   -7.176  1.00 20.41 ? 12  A   X "C3'" 1 
ATOM   204 O "O3'" . A   A 1 12 ? -5.509  8.634   -7.921  1.00 22.92 ? 12  A   X "O3'" 1 
ATOM   205 C "C2'" . A   A 1 12 ? -4.424  6.562   -7.694  1.00 21.39 ? 12  A   X "C2'" 1 
ATOM   206 O "O2'" . A   A 1 12 ? -4.381  6.569   -9.129  1.00 23.88 ? 12  A   X "O2'" 1 
ATOM   207 C "C1'" . A   A 1 12 ? -3.056  6.291   -7.087  1.00 21.48 ? 12  A   X "C1'" 1 
ATOM   208 N N9    . A   A 1 12 ? -3.144  5.759   -5.737  1.00 20.13 ? 12  A   X N9    1 
ATOM   209 C C8    . A   A 1 12 ? -2.968  6.484   -4.546  1.00 19.61 ? 12  A   X C8    1 
ATOM   210 N N7    . A   A 1 12 ? -3.141  5.734   -3.500  1.00 19.85 ? 12  A   X N7    1 
ATOM   211 C C5    . A   A 1 12 ? -3.459  4.469   -3.985  1.00 20.46 ? 12  A   X C5    1 
ATOM   212 C C6    . A   A 1 12 ? -3.763  3.231   -3.343  1.00 20.77 ? 12  A   X C6    1 
ATOM   213 N N6    . A   A 1 12 ? -3.730  3.092   -2.032  1.00 20.96 ? 12  A   X N6    1 
ATOM   214 N N1    . A   A 1 12 ? -4.036  2.138   -4.132  1.00 21.91 ? 12  A   X N1    1 
ATOM   215 C C2    . A   A 1 12 ? -4.073  2.330   -5.454  1.00 19.22 ? 12  A   X C2    1 
ATOM   216 N N3    . A   A 1 12 ? -3.792  3.436   -6.174  1.00 20.33 ? 12  A   X N3    1 
ATOM   217 C C4    . A   A 1 12 ? -3.501  4.493   -5.363  1.00 19.09 ? 12  A   X C4    1 
ATOM   218 P P     . G   A 1 13 ? -7.048  8.864   -7.468  1.00 21.79 ? 13  G   X P     1 
ATOM   219 O OP1   . G   A 1 13 ? -7.571  9.933   -8.352  1.00 21.50 ? 13  G   X OP1   1 
ATOM   220 O OP2   . G   A 1 13 ? -7.094  9.163   -6.011  1.00 22.49 ? 13  G   X OP2   1 
ATOM   221 O "O5'" . G   A 1 13 ? -7.745  7.499   -7.681  1.00 22.24 ? 13  G   X "O5'" 1 
ATOM   222 C "C5'" . G   A 1 13 ? -7.787  6.971   -9.040  1.00 20.98 ? 13  G   X "C5'" 1 
ATOM   223 C "C4'" . G   A 1 13 ? -8.181  5.500   -9.002  1.00 21.18 ? 13  G   X "C4'" 1 
ATOM   224 O "O4'" . G   A 1 13 ? -7.116  4.730   -8.398  1.00 21.33 ? 13  G   X "O4'" 1 
ATOM   225 C "C3'" . G   A 1 13 ? -9.400  5.091   -8.172  1.00 21.80 ? 13  G   X "C3'" 1 
ATOM   226 O "O3'" . G   A 1 13 ? -10.597 5.383   -8.866  1.00 23.21 ? 13  G   X "O3'" 1 
ATOM   227 C "C2'" . G   A 1 13 ? -9.145  3.595   -8.044  1.00 21.20 ? 13  G   X "C2'" 1 
ATOM   228 O "O2'" . G   A 1 13 ? -9.351  2.934   -9.287  1.00 22.39 ? 13  G   X "O2'" 1 
ATOM   229 C "C1'" . G   A 1 13 ? -7.635  3.583   -7.750  1.00 21.04 ? 13  G   X "C1'" 1 
ATOM   230 N N9    . G   A 1 13 ? -7.400  3.802   -6.314  1.00 21.85 ? 13  G   X N9    1 
ATOM   231 C C8    . G   A 1 13 ? -7.073  4.959   -5.630  1.00 21.66 ? 13  G   X C8    1 
ATOM   232 N N7    . G   A 1 13 ? -6.956  4.765   -4.336  1.00 21.09 ? 13  G   X N7    1 
ATOM   233 C C5    . G   A 1 13 ? -7.247  3.389   -4.164  1.00 20.53 ? 13  G   X C5    1 
ATOM   234 C C6    . G   A 1 13 ? -7.298  2.550   -3.015  1.00 22.76 ? 13  G   X C6    1 
ATOM   235 O O6    . G   A 1 13 ? -7.090  2.830   -1.821  1.00 22.88 ? 13  G   X O6    1 
ATOM   236 N N1    . G   A 1 13 ? -7.634  1.263   -3.271  1.00 20.97 ? 13  G   X N1    1 
ATOM   237 C C2    . G   A 1 13 ? -7.901  0.754   -4.500  1.00 20.60 ? 13  G   X C2    1 
ATOM   238 N N2    . G   A 1 13 ? -8.249  -0.536  -4.489  1.00 22.50 ? 13  G   X N2    1 
ATOM   239 N N3    . G   A 1 13 ? -7.848  1.490   -5.604  1.00 22.09 ? 13  G   X N3    1 
ATOM   240 C C4    . G   A 1 13 ? -7.524  2.783   -5.363  1.00 22.44 ? 13  G   X C4    1 
ATOM   241 P P     . G   A 1 14 ? -11.959 5.613   -8.044  1.00 22.74 ? 14  G   X P     1 
ATOM   242 O OP1   . G   A 1 14 ? -13.004 6.063   -8.959  1.00 22.39 ? 14  G   X OP1   1 
ATOM   243 O OP2   . G   A 1 14 ? -11.709 6.413   -6.812  1.00 22.14 ? 14  G   X OP2   1 
ATOM   244 O "O5'" . G   A 1 14 ? -12.259 4.163   -7.430  1.00 21.39 ? 14  G   X "O5'" 1 
ATOM   245 C "C5'" . G   A 1 14 ? -12.629 3.076   -8.319  1.00 20.25 ? 14  G   X "C5'" 1 
ATOM   246 C "C4'" . G   A 1 14 ? -12.869 1.766   -7.587  1.00 20.56 ? 14  G   X "C4'" 1 
ATOM   247 O "O4'" . G   A 1 14 ? -11.661 1.336   -6.895  1.00 21.44 ? 14  G   X "O4'" 1 
ATOM   248 C "C3'" . G   A 1 14 ? -13.871 1.841   -6.470  1.00 19.88 ? 14  G   X "C3'" 1 
ATOM   249 O "O3'" . G   A 1 14 ? -15.220 1.939   -6.962  1.00 20.06 ? 14  G   X "O3'" 1 
ATOM   250 C "C2'" . G   A 1 14 ? -13.505 0.492   -5.786  1.00 20.89 ? 14  G   X "C2'" 1 
ATOM   251 O "O2'" . G   A 1 14 ? -13.961 -0.631  -6.523  1.00 22.28 ? 14  G   X "O2'" 1 
ATOM   252 C "C1'" . G   A 1 14 ? -11.970 0.517   -5.798  1.00 19.93 ? 14  G   X "C1'" 1 
ATOM   253 N N9    . G   A 1 14 ? -11.459 1.208   -4.601  1.00 18.80 ? 14  G   X N9    1 
ATOM   254 C C8    . G   A 1 14 ? -10.930 2.452   -4.501  1.00 20.74 ? 14  G   X C8    1 
ATOM   255 N N7    . G   A 1 14 ? -10.624 2.779   -3.234  1.00 18.02 ? 14  G   X N7    1 
ATOM   256 C C5    . G   A 1 14 ? -10.900 1.625   -2.524  1.00 17.33 ? 14  G   X C5    1 
ATOM   257 C C6    . G   A 1 14 ? -10.776 1.299   -1.174  1.00 19.66 ? 14  G   X C6    1 
ATOM   258 O O6    . G   A 1 14 ? -10.315 1.971   -0.231  1.00 21.53 ? 14  G   X O6    1 
ATOM   259 N N1    . G   A 1 14 ? -11.240 0.047   -0.844  1.00 18.24 ? 14  G   X N1    1 
ATOM   260 C C2    . G   A 1 14 ? -11.737 -0.873  -1.756  1.00 18.66 ? 14  G   X C2    1 
ATOM   261 N N2    . G   A 1 14 ? -12.168 -2.053  -1.278  1.00 19.26 ? 14  G   X N2    1 
ATOM   262 N N3    . G   A 1 14 ? -11.848 -0.607  -3.032  1.00 20.14 ? 14  G   X N3    1 
ATOM   263 C C4    . G   A 1 14 ? -11.410 0.647   -3.357  1.00 18.55 ? 14  G   X C4    1 
ATOM   264 P P     . C   A 1 15 ? -16.260 2.738   -6.026  1.00 21.81 ? 15  C   X P     1 
ATOM   265 O OP1   . C   A 1 15 ? -17.496 2.774   -6.823  1.00 24.69 ? 15  C   X OP1   1 
ATOM   266 O OP2   . C   A 1 15 ? -15.745 3.978   -5.473  1.00 24.56 ? 15  C   X OP2   1 
ATOM   267 O "O5'" . C   A 1 15 ? -16.450 1.787   -4.792  1.00 20.01 ? 15  C   X "O5'" 1 
ATOM   268 C "C5'" . C   A 1 15 ? -17.085 0.488   -4.824  1.00 20.98 ? 15  C   X "C5'" 1 
ATOM   269 C "C4'" . C   A 1 15 ? -17.049 -0.191  -3.467  1.00 17.15 ? 15  C   X "C4'" 1 
ATOM   270 O "O4'" . C   A 1 15 ? -15.668 -0.342  -3.009  1.00 20.41 ? 15  C   X "O4'" 1 
ATOM   271 C "C3'" . C   A 1 15 ? -17.642 0.686   -2.380  1.00 17.63 ? 15  C   X "C3'" 1 
ATOM   272 O "O3'" . C   A 1 15 ? -19.048 0.586   -2.420  1.00 20.39 ? 15  C   X "O3'" 1 
ATOM   273 C "C2'" . C   A 1 15 ? -17.057 -0.002  -1.183  1.00 18.05 ? 15  C   X "C2'" 1 
ATOM   274 O "O2'" . C   A 1 15 ? -17.675 -1.246  -0.909  1.00 18.56 ? 15  C   X "O2'" 1 
ATOM   275 C "C1'" . C   A 1 15 ? -15.608 -0.198  -1.597  1.00 19.30 ? 15  C   X "C1'" 1 
ATOM   276 N N1    . C   A 1 15 ? -14.794 1.003   -1.230  1.00 19.45 ? 15  C   X N1    1 
ATOM   277 C C2    . C   A 1 15 ? -14.339 1.086   0.119   1.00 19.19 ? 15  C   X C2    1 
ATOM   278 O O2    . C   A 1 15 ? -14.585 0.165   0.873   1.00 20.53 ? 15  C   X O2    1 
ATOM   279 N N3    . C   A 1 15 ? -13.619 2.158   0.492   1.00 18.99 ? 15  C   X N3    1 
ATOM   280 C C4    . C   A 1 15 ? -13.374 3.130   -0.400  1.00 20.00 ? 15  C   X C4    1 
ATOM   281 N N4    . C   A 1 15 ? -12.669 4.201   -0.017  1.00 20.92 ? 15  C   X N4    1 
ATOM   282 C C5    . C   A 1 15 ? -13.842 3.096   -1.766  1.00 20.89 ? 15  C   X C5    1 
ATOM   283 C C6    . C   A 1 15 ? -14.578 2.032   -2.115  1.00 17.91 ? 15  C   X C6    1 
ATOM   284 P P     . C   A 1 16 ? -19.958 1.839   -1.927  1.00 19.73 ? 16  C   X P     1 
ATOM   285 O OP1   . C   A 1 16 ? -21.369 1.530   -2.276  1.00 20.13 ? 16  C   X OP1   1 
ATOM   286 O OP2   . C   A 1 16 ? -19.403 3.082   -2.413  1.00 20.78 ? 16  C   X OP2   1 
ATOM   287 O "O5'" . C   A 1 16 ? -19.739 1.811   -0.345  1.00 21.19 ? 16  C   X "O5'" 1 
ATOM   288 C "C5'" . C   A 1 16 ? -20.190 0.711   0.458   1.00 21.39 ? 16  C   X "C5'" 1 
ATOM   289 C "C4'" . C   A 1 16 ? -19.659 0.816   1.875   1.00 22.39 ? 16  C   X "C4'" 1 
ATOM   290 O "O4'" . C   A 1 16 ? -18.225 0.987   1.817   1.00 22.62 ? 16  C   X "O4'" 1 
ATOM   291 C "C3'" . C   A 1 16 ? -20.072 2.123   2.547   1.00 25.53 ? 16  C   X "C3'" 1 
ATOM   292 O "O3'" . C   A 1 16 ? -21.407 1.922   2.972   1.00 27.92 ? 16  C   X "O3'" 1 
ATOM   293 C "C2'" . C   A 1 16 ? -19.081 2.133   3.713   1.00 24.66 ? 16  C   X "C2'" 1 
ATOM   294 O "O2'" . C   A 1 16 ? -19.481 1.199   4.680   1.00 27.80 ? 16  C   X "O2'" 1 
ATOM   295 C "C1'" . C   A 1 16 ? -17.804 1.674   3.019   1.00 22.45 ? 16  C   X "C1'" 1 
ATOM   296 N N1    . C   A 1 16 ? -16.989 2.825   2.630   1.00 22.68 ? 16  C   X N1    1 
ATOM   297 C C2    . C   A 1 16 ? -16.208 3.392   3.652   1.00 21.10 ? 16  C   X C2    1 
ATOM   298 O O2    . C   A 1 16 ? -16.282 2.783   4.726   1.00 24.86 ? 16  C   X O2    1 
ATOM   299 N N3    . C   A 1 16 ? -15.449 4.465   3.357   1.00 21.70 ? 16  C   X N3    1 
ATOM   300 C C4    . C   A 1 16 ? -15.496 5.024   2.166   1.00 21.43 ? 16  C   X C4    1 
ATOM   301 N N4    . C   A 1 16 ? -14.743 6.079   1.910   1.00 24.02 ? 16  C   X N4    1 
ATOM   302 C C5    . C   A 1 16 ? -16.302 4.506   1.112   1.00 21.57 ? 16  C   X C5    1 
ATOM   303 C C6    . C   A 1 16 ? -17.021 3.421   1.409   1.00 21.29 ? 16  C   X C6    1 
HETATM 304 S S     . SO4 B 2 .  ? 4.294   -3.139  2.980   0.50 44.54 ? 501 SO4 X S     1 
HETATM 305 O O1    . SO4 B 2 .  ? 4.553   -1.833  2.408   0.50 44.27 ? 501 SO4 X O1    1 
HETATM 306 O O2    . SO4 B 2 .  ? 5.213   -3.286  4.090   0.50 45.41 ? 501 SO4 X O2    1 
HETATM 307 O O3    . SO4 B 2 .  ? 4.561   -4.193  2.015   0.50 46.44 ? 501 SO4 X O3    1 
HETATM 308 O O4    . SO4 B 2 .  ? 2.897   -3.244  3.387   0.50 44.63 ? 501 SO4 X O4    1 
HETATM 309 O O     . HOH C 3 .  ? 1.059   6.937   -6.824  1.00 22.56 ? 502 HOH X O     1 
HETATM 310 O O     . HOH C 3 .  ? 0.126   4.105   -8.103  1.00 22.63 ? 503 HOH X O     1 
HETATM 311 O O     . HOH C 3 .  ? -16.910 4.720   -3.231  1.00 25.57 ? 504 HOH X O     1 
HETATM 312 O O     . HOH C 3 .  ? 7.201   -8.205  12.338  1.00 27.80 ? 505 HOH X O     1 
HETATM 313 O O     . HOH C 3 .  ? -21.669 -0.218  -4.366  1.00 22.83 ? 506 HOH X O     1 
HETATM 314 O O     . HOH C 3 .  ? 12.270  -11.152 7.346   1.00 23.59 ? 507 HOH X O     1 
HETATM 315 O O     . HOH C 3 .  ? -10.474 3.428   -11.748 1.00 29.33 ? 508 HOH X O     1 
HETATM 316 O O     . HOH C 3 .  ? -15.961 -0.672  -8.268  1.00 34.12 ? 509 HOH X O     1 
HETATM 317 O O     . HOH C 3 .  ? -5.834  11.931  -9.134  1.00 28.78 ? 510 HOH X O     1 
HETATM 318 O O     . HOH C 3 .  ? -19.120 -2.290  4.434   1.00 39.30 ? 511 HOH X O     1 
HETATM 319 O O     . HOH C 3 .  ? -9.156  4.661   0.127   1.00 29.59 ? 512 HOH X O     1 
HETATM 320 O O     . HOH C 3 .  ? -13.484 5.508   -4.648  1.00 31.23 ? 513 HOH X O     1 
HETATM 321 O O     . HOH C 3 .  ? 14.634  -17.003 -0.353  1.00 33.78 ? 514 HOH X O     1 
HETATM 322 O O     . HOH C 3 .  ? 7.192   11.425  5.713   1.00 29.54 ? 515 HOH X O     1 
HETATM 323 O O     . HOH C 3 .  ? 8.878   -6.684  0.642   1.00 39.24 ? 516 HOH X O     1 
HETATM 324 O O     . HOH C 3 .  ? -16.782 -1.648  1.691   1.00 27.20 ? 517 HOH X O     1 
HETATM 325 O O     . HOH C 3 .  ? -9.821  6.891   -5.031  1.00 41.99 ? 518 HOH X O     1 
HETATM 326 O O     . HOH C 3 .  ? 5.127   13.709  -1.323  1.00 38.27 ? 519 HOH X O     1 
HETATM 327 O O     . HOH C 3 .  ? 2.430   5.639   4.637   1.00 29.13 ? 520 HOH X O     1 
HETATM 328 O O     . HOH C 3 .  ? -5.406  4.483   -10.918 1.00 36.36 ? 521 HOH X O     1 
HETATM 329 O O     . HOH C 3 .  ? -2.648  8.212   -1.582  1.00 38.25 ? 522 HOH X O     1 
HETATM 330 O O     . HOH C 3 .  ? -14.942 7.612   -8.585  1.00 38.99 ? 523 HOH X O     1 
HETATM 331 O O     . HOH C 3 .  ? -12.614 6.516   -2.095  1.00 36.47 ? 524 HOH X O     1 
HETATM 332 O O     . HOH C 3 .  ? -0.328  5.831   1.927   1.00 42.72 ? 525 HOH X O     1 
HETATM 333 O O     . HOH C 3 .  ? -22.811 3.585   -3.288  1.00 37.09 ? 526 HOH X O     1 
HETATM 334 O O     . HOH C 3 .  ? 1.710   2.653   2.165   1.00 36.65 ? 527 HOH X O     1 
HETATM 335 O O     . HOH C 3 .  ? -5.963  4.580   0.262   1.00 38.86 ? 528 HOH X O     1 
HETATM 336 O O     . HOH C 3 .  ? -3.582  13.306  -7.266  1.00 45.85 ? 529 HOH X O     1 
HETATM 337 O O     . HOH C 3 .  ? -20.091 -2.684  1.220   1.00 41.31 ? 530 HOH X O     1 
HETATM 338 O O     . HOH C 3 .  ? -9.961  5.339   -2.370  1.00 34.34 ? 531 HOH X O     1 
HETATM 339 O O     . HOH C 3 .  ? -19.693 5.356   -0.536  1.00 37.71 ? 532 HOH X O     1 
HETATM 340 O O     . HOH C 3 .  ? 14.134  -16.733 -2.930  1.00 39.84 ? 533 HOH X O     1 
HETATM 341 O O     . HOH C 3 .  ? -3.515  12.009  -1.153  1.00 47.42 ? 534 HOH X O     1 
HETATM 342 O O     . HOH C 3 .  ? -21.715 4.987   0.796   1.00 41.30 ? 535 HOH X O     1 
HETATM 343 O O     . HOH C 3 .  ? 0.840   8.365   2.180   1.00 43.41 ? 536 HOH X O     1 
HETATM 344 O O     . HOH C 3 .  ? 3.806   1.916   4.540   1.00 41.19 ? 537 HOH X O     1 
HETATM 345 O O     . HOH C 3 .  ? 7.380   -4.680  1.793   1.00 41.55 ? 538 HOH X O     1 
HETATM 346 O O     . HOH C 3 .  ? 6.519   -1.899  0.693   1.00 37.59 ? 539 HOH X O     1 
HETATM 347 O O     . HOH C 3 .  ? -3.906  3.298   -8.850  1.00 39.54 ? 540 HOH X O     1 
HETATM 348 O O     . HOH C 3 .  ? -22.648 0.144   4.353   1.00 42.96 ? 541 HOH X O     1 
HETATM 349 O O     . HOH C 3 .  ? -9.226  0.212   -9.043  1.00 44.44 ? 542 HOH X O     1 
HETATM 350 O O     . HOH C 3 .  ? 7.692   -9.212  1.799   1.00 43.75 ? 543 HOH X O     1 
HETATM 351 O O     . HOH C 3 .  ? -17.495 1.136   6.993   1.00 47.39 ? 544 HOH X O     1 
HETATM 352 O O     . HOH C 3 .  ? 0.570   12.242  3.770   1.00 47.84 ? 545 HOH X O     1 
HETATM 353 O O     . HOH C 3 .  ? 5.864   11.110  -4.541  1.00 48.85 ? 546 HOH X O     1 
HETATM 354 O O     . HOH C 3 .  ? -8.654  7.277   -0.725  1.00 52.20 ? 547 HOH X O     1 
HETATM 355 O O     . HOH C 3 .  ? 5.454   -6.934  4.860   1.00 42.03 ? 548 HOH X O     1 
HETATM 356 O O     . HOH C 3 .  ? -16.857 6.392   -6.860  1.00 43.36 ? 549 HOH X O     1 
HETATM 357 O O     . HOH C 3 .  ? 2.160   -3.560  8.553   1.00 46.77 ? 550 HOH X O     1 
HETATM 358 O O     . HOH C 3 .  ? -3.356  5.105   -0.205  1.00 45.15 ? 551 HOH X O     1 
HETATM 359 O O     . HOH C 3 .  ? 9.842   -9.827  -2.628  1.00 47.71 ? 552 HOH X O     1 
HETATM 360 O O     . HOH C 3 .  ? 7.004   0.470   12.681  1.00 47.16 ? 553 HOH X O     1 
HETATM 361 O O     . HOH C 3 .  ? 4.882   7.858   -6.818  1.00 53.02 ? 554 HOH X O     1 
HETATM 362 O O     . HOH C 3 .  ? 6.252   5.560   11.418  1.00 44.99 ? 555 HOH X O     1 
HETATM 363 O O     . HOH C 3 .  ? -9.202  -1.908  -6.991  1.00 42.39 ? 556 HOH X O     1 
HETATM 364 O O     . HOH C 3 .  ? -5.453  1.075   -9.704  1.00 48.44 ? 557 HOH X O     1 
HETATM 365 O O     . HOH C 3 .  ? 1.753   8.163   7.757   1.00 48.38 ? 558 HOH X O     1 
HETATM 366 O O     . HOH C 3 .  ? 5.358   10.937  7.661   1.00 50.65 ? 559 HOH X O     1 
HETATM 367 O O     . HOH C 3 .  ? -14.524 4.496   -10.834 1.00 47.01 ? 560 HOH X O     1 
HETATM 368 O O     . HOH C 3 .  ? -6.700  0.138   -7.858  1.00 50.84 ? 561 HOH X O     1 
HETATM 369 O O     . HOH C 3 .  ? 5.540   8.191   -4.460  1.00 48.86 ? 562 HOH X O     1 
HETATM 370 O O     . HOH C 3 .  ? -5.691  8.661   -3.747  1.00 47.09 ? 563 HOH X O     1 
HETATM 371 O O     . HOH C 3 .  ? -7.060  6.139   -2.298  1.00 47.01 ? 564 HOH X O     1 
HETATM 372 O O     . HOH C 3 .  ? -19.865 3.771   -5.412  1.00 50.90 ? 565 HOH X O     1 
HETATM 373 O O     . HOH C 3 .  ? 4.887   -7.776  12.796  1.00 54.42 ? 566 HOH X O     1 
HETATM 374 O O     . HOH C 3 .  ? -17.811 7.112   -1.294  1.00 50.36 ? 567 HOH X O     1 
HETATM 375 O O     . HOH C 3 .  ? 3.736   0.184   2.183   1.00 38.08 ? 568 HOH X O     1 
HETATM 376 O O     . HOH C 3 .  ? -12.086 -0.054  -10.522 1.00 40.00 ? 569 HOH X O     1 
HETATM 377 O O     . HOH C 3 .  ? -21.956 4.371   3.707   1.00 42.00 ? 570 HOH X O     1 
# 
